data_1DK9
# 
_entry.id   1DK9 
# 
_audit_conform.dict_name       mmcif_pdbx.dic 
_audit_conform.dict_version    5.392 
_audit_conform.dict_location   http://mmcif.pdb.org/dictionaries/ascii/mmcif_pdbx.dic 
# 
loop_
_database_2.database_id 
_database_2.database_code 
_database_2.pdbx_database_accession 
_database_2.pdbx_DOI 
PDB   1DK9         pdb_00001dk9 10.2210/pdb1dk9/pdb 
RCSB  RCSB010154   ?            ?                   
WWPDB D_1000010154 ?            ?                   
# 
loop_
_pdbx_audit_revision_history.ordinal 
_pdbx_audit_revision_history.data_content_type 
_pdbx_audit_revision_history.major_revision 
_pdbx_audit_revision_history.minor_revision 
_pdbx_audit_revision_history.revision_date 
1 'Structure model' 1 0 1999-12-16 
2 'Structure model' 1 1 2008-04-27 
3 'Structure model' 1 2 2011-07-13 
4 'Structure model' 1 3 2022-02-16 
5 'Structure model' 1 4 2024-05-22 
# 
_pdbx_audit_revision_details.ordinal             1 
_pdbx_audit_revision_details.revision_ordinal    1 
_pdbx_audit_revision_details.data_content_type   'Structure model' 
_pdbx_audit_revision_details.provider            repository 
_pdbx_audit_revision_details.type                'Initial release' 
_pdbx_audit_revision_details.description         ? 
_pdbx_audit_revision_details.details             ? 
# 
loop_
_pdbx_audit_revision_group.ordinal 
_pdbx_audit_revision_group.revision_ordinal 
_pdbx_audit_revision_group.data_content_type 
_pdbx_audit_revision_group.group 
1 2 'Structure model' 'Version format compliance' 
2 3 'Structure model' 'Version format compliance' 
3 4 'Structure model' 'Database references'       
4 4 'Structure model' 'Derived calculations'      
5 5 'Structure model' 'Data collection'           
# 
loop_
_pdbx_audit_revision_category.ordinal 
_pdbx_audit_revision_category.revision_ordinal 
_pdbx_audit_revision_category.data_content_type 
_pdbx_audit_revision_category.category 
1 4 'Structure model' database_2            
2 4 'Structure model' pdbx_struct_assembly  
3 4 'Structure model' pdbx_struct_oper_list 
4 5 'Structure model' chem_comp_atom        
5 5 'Structure model' chem_comp_bond        
# 
loop_
_pdbx_audit_revision_item.ordinal 
_pdbx_audit_revision_item.revision_ordinal 
_pdbx_audit_revision_item.data_content_type 
_pdbx_audit_revision_item.item 
1 4 'Structure model' '_database_2.pdbx_DOI'                
2 4 'Structure model' '_database_2.pdbx_database_accession' 
# 
_pdbx_database_status.status_code                     REL 
_pdbx_database_status.entry_id                        1DK9 
_pdbx_database_status.recvd_initial_deposition_date   1999-12-06 
_pdbx_database_status.deposit_site                    RCSB 
_pdbx_database_status.process_site                    RCSB 
_pdbx_database_status.SG_entry                        . 
_pdbx_database_status.pdb_format_compatible           Y 
_pdbx_database_status.status_code_mr                  ? 
_pdbx_database_status.status_code_sf                  ? 
_pdbx_database_status.status_code_cs                  ? 
_pdbx_database_status.status_code_nmr_data            ? 
_pdbx_database_status.methods_development_category    ? 
# 
_pdbx_database_related.db_name        PDB 
_pdbx_database_related.db_id          1DK6 
_pdbx_database_related.details        'Residue 14 is replaced by 3-nitropyrrole' 
_pdbx_database_related.content_type   unspecified 
# 
loop_
_audit_author.name 
_audit_author.pdbx_ordinal 
'Klewer, D.A.'    1 
'Hoskins, A.'     2 
'Davisson, V.J.'  3 
'Bergstrom, D.E.' 4 
'LiWang, A.C.'    5 
# 
_citation.id                        primary 
_citation.title                     
;NMR structure of a DNA duplex containing nucleoside analog 1-(2'-deoxy-beta-D-ribofuranosyl)-3-nitropyrrole and the structure of the unmodified control.
;
_citation.journal_abbrev            'Nucleic Acids Res.' 
_citation.journal_volume            28 
_citation.page_first                4514 
_citation.page_last                 4522 
_citation.year                      2000 
_citation.journal_id_ASTM           NARHAD 
_citation.country                   UK 
_citation.journal_id_ISSN           0305-1048 
_citation.journal_id_CSD            0389 
_citation.book_publisher            ? 
_citation.pdbx_database_id_PubMed   11071940 
_citation.pdbx_database_id_DOI      10.1093/nar/28.22.4514 
# 
loop_
_citation_author.citation_id 
_citation_author.name 
_citation_author.ordinal 
_citation_author.identifier_ORCID 
primary 'Klewer, D.A.'    1 ? 
primary 'Hoskins, A.'     2 ? 
primary 'Zhang, P.'       3 ? 
primary 'Davisson, V.J.'  4 ? 
primary 'Bergstrom, D.E.' 5 ? 
primary 'LiWang, A.C.'    6 ? 
# 
loop_
_entity.id 
_entity.type 
_entity.src_method 
_entity.pdbx_description 
_entity.formula_weight 
_entity.pdbx_number_of_molecules 
_entity.pdbx_ec 
_entity.pdbx_mutation 
_entity.pdbx_fragment 
_entity.details 
1 polymer syn "5'-D(CP*AP*TP*GP*AP*GP*TP*AP*CP*)-3'" 2739.824 1 ? ? ? ? 
2 polymer syn "5'-D(GP*TP*AP*CP*TP*CP*AP*TP*GP*)-3'" 2730.810 1 ? ? ? ? 
# 
loop_
_entity_poly.entity_id 
_entity_poly.type 
_entity_poly.nstd_linkage 
_entity_poly.nstd_monomer 
_entity_poly.pdbx_seq_one_letter_code 
_entity_poly.pdbx_seq_one_letter_code_can 
_entity_poly.pdbx_strand_id 
_entity_poly.pdbx_target_identifier 
1 polydeoxyribonucleotide no no '(DC)(DA)(DT)(DG)(DA)(DG)(DT)(DA)(DC)' CATGAGTAC A ? 
2 polydeoxyribonucleotide no no '(DG)(DT)(DA)(DC)(DT)(DC)(DA)(DT)(DG)' GTACTCATG B ? 
# 
loop_
_entity_poly_seq.entity_id 
_entity_poly_seq.num 
_entity_poly_seq.mon_id 
_entity_poly_seq.hetero 
1 1 DC n 
1 2 DA n 
1 3 DT n 
1 4 DG n 
1 5 DA n 
1 6 DG n 
1 7 DT n 
1 8 DA n 
1 9 DC n 
2 1 DG n 
2 2 DT n 
2 3 DA n 
2 4 DC n 
2 5 DT n 
2 6 DC n 
2 7 DA n 
2 8 DT n 
2 9 DG n 
# 
loop_
_pdbx_entity_src_syn.entity_id 
_pdbx_entity_src_syn.pdbx_src_id 
_pdbx_entity_src_syn.pdbx_alt_source_flag 
_pdbx_entity_src_syn.pdbx_beg_seq_num 
_pdbx_entity_src_syn.pdbx_end_seq_num 
_pdbx_entity_src_syn.organism_scientific 
_pdbx_entity_src_syn.organism_common_name 
_pdbx_entity_src_syn.ncbi_taxonomy_id 
_pdbx_entity_src_syn.details 
1 1 sample ? ? ? ? ? 'THIS SEQUENCE WAS CHEMICALLY SYNTHESIZED' 
2 1 sample ? ? ? ? ? 'THIS SEQUENCE WAS CHEMICALLY SYNTHESIZED' 
# 
loop_
_chem_comp.id 
_chem_comp.type 
_chem_comp.mon_nstd_flag 
_chem_comp.name 
_chem_comp.pdbx_synonyms 
_chem_comp.formula 
_chem_comp.formula_weight 
DA 'DNA linking' y "2'-DEOXYADENOSINE-5'-MONOPHOSPHATE" ? 'C10 H14 N5 O6 P' 331.222 
DC 'DNA linking' y "2'-DEOXYCYTIDINE-5'-MONOPHOSPHATE"  ? 'C9 H14 N3 O7 P'  307.197 
DG 'DNA linking' y "2'-DEOXYGUANOSINE-5'-MONOPHOSPHATE" ? 'C10 H14 N5 O7 P' 347.221 
DT 'DNA linking' y "THYMIDINE-5'-MONOPHOSPHATE"         ? 'C10 H15 N2 O8 P' 322.208 
# 
loop_
_pdbx_poly_seq_scheme.asym_id 
_pdbx_poly_seq_scheme.entity_id 
_pdbx_poly_seq_scheme.seq_id 
_pdbx_poly_seq_scheme.mon_id 
_pdbx_poly_seq_scheme.ndb_seq_num 
_pdbx_poly_seq_scheme.pdb_seq_num 
_pdbx_poly_seq_scheme.auth_seq_num 
_pdbx_poly_seq_scheme.pdb_mon_id 
_pdbx_poly_seq_scheme.auth_mon_id 
_pdbx_poly_seq_scheme.pdb_strand_id 
_pdbx_poly_seq_scheme.pdb_ins_code 
_pdbx_poly_seq_scheme.hetero 
A 1 1 DC 1 1  1  DC CYT A . n 
A 1 2 DA 2 2  2  DA ADE A . n 
A 1 3 DT 3 3  3  DT THY A . n 
A 1 4 DG 4 4  4  DG GUA A . n 
A 1 5 DA 5 5  5  DA ADE A . n 
A 1 6 DG 6 6  6  DG GUA A . n 
A 1 7 DT 7 7  7  DT THY A . n 
A 1 8 DA 8 8  8  DA ADE A . n 
A 1 9 DC 9 9  9  DC CYT A . n 
B 2 1 DG 1 10 10 DG GUA B . n 
B 2 2 DT 2 11 11 DT THY B . n 
B 2 3 DA 3 12 12 DA ADE B . n 
B 2 4 DC 4 13 13 DC CYT B . n 
B 2 5 DT 5 14 14 DT THY B . n 
B 2 6 DC 6 15 15 DC CYT B . n 
B 2 7 DA 7 16 16 DA ADE B . n 
B 2 8 DT 8 17 17 DT THY B . n 
B 2 9 DG 9 18 18 DG GUA B . n 
# 
_cell.entry_id           1DK9 
_cell.length_a           1.000 
_cell.length_b           1.000 
_cell.length_c           1.000 
_cell.angle_alpha        90.00 
_cell.angle_beta         90.00 
_cell.angle_gamma        90.00 
_cell.Z_PDB              1 
_cell.pdbx_unique_axis   ? 
# 
_symmetry.entry_id                         1DK9 
_symmetry.space_group_name_H-M             'P 1' 
_symmetry.pdbx_full_space_group_name_H-M   ? 
_symmetry.cell_setting                     ? 
_symmetry.Int_Tables_number                1 
# 
_exptl.entry_id          1DK9 
_exptl.method            'SOLUTION NMR' 
_exptl.crystals_number   ? 
# 
_struct.entry_id                  1DK9 
_struct.title                     'SOLUTION STRUCTURE ANALYSIS OF THE DNA DUPLEX D(CATGAGTAC)D(GTACTCATG)' 
_struct.pdbx_model_details        ? 
_struct.pdbx_CASP_flag            ? 
_struct.pdbx_model_type_details   ? 
# 
_struct_keywords.entry_id        1DK9 
_struct_keywords.pdbx_keywords   DNA 
_struct_keywords.text            'DNA, DUPLEX' 
# 
loop_
_struct_asym.id 
_struct_asym.pdbx_blank_PDB_chainid_flag 
_struct_asym.pdbx_modified 
_struct_asym.entity_id 
_struct_asym.details 
A N N 1 ? 
B N N 2 ? 
# 
loop_
_struct_ref.id 
_struct_ref.entity_id 
_struct_ref.db_name 
_struct_ref.db_code 
_struct_ref.pdbx_db_accession 
_struct_ref.pdbx_db_isoform 
_struct_ref.pdbx_seq_one_letter_code 
_struct_ref.pdbx_align_begin 
1 1 PDB 1DK9 1DK9 ? ? ? 
2 2 PDB 1DK9 1DK9 ? ? ? 
# 
loop_
_struct_ref_seq.align_id 
_struct_ref_seq.ref_id 
_struct_ref_seq.pdbx_PDB_id_code 
_struct_ref_seq.pdbx_strand_id 
_struct_ref_seq.seq_align_beg 
_struct_ref_seq.pdbx_seq_align_beg_ins_code 
_struct_ref_seq.seq_align_end 
_struct_ref_seq.pdbx_seq_align_end_ins_code 
_struct_ref_seq.pdbx_db_accession 
_struct_ref_seq.db_align_beg 
_struct_ref_seq.pdbx_db_align_beg_ins_code 
_struct_ref_seq.db_align_end 
_struct_ref_seq.pdbx_db_align_end_ins_code 
_struct_ref_seq.pdbx_auth_seq_align_beg 
_struct_ref_seq.pdbx_auth_seq_align_end 
1 1 1DK9 A 1 ? 9 ? 1DK9 1  ? 9  ? 1  9  
2 2 1DK9 B 1 ? 9 ? 1DK9 10 ? 18 ? 10 18 
# 
_pdbx_struct_assembly.id                   1 
_pdbx_struct_assembly.details              author_defined_assembly 
_pdbx_struct_assembly.method_details       ? 
_pdbx_struct_assembly.oligomeric_details   dimeric 
_pdbx_struct_assembly.oligomeric_count     2 
# 
_pdbx_struct_assembly_gen.assembly_id       1 
_pdbx_struct_assembly_gen.oper_expression   1 
_pdbx_struct_assembly_gen.asym_id_list      A,B 
# 
_pdbx_struct_oper_list.id                   1 
_pdbx_struct_oper_list.type                 'identity operation' 
_pdbx_struct_oper_list.name                 1_555 
_pdbx_struct_oper_list.symmetry_operation   x,y,z 
_pdbx_struct_oper_list.matrix[1][1]         1.0000000000 
_pdbx_struct_oper_list.matrix[1][2]         0.0000000000 
_pdbx_struct_oper_list.matrix[1][3]         0.0000000000 
_pdbx_struct_oper_list.vector[1]            0.0000000000 
_pdbx_struct_oper_list.matrix[2][1]         0.0000000000 
_pdbx_struct_oper_list.matrix[2][2]         1.0000000000 
_pdbx_struct_oper_list.matrix[2][3]         0.0000000000 
_pdbx_struct_oper_list.vector[2]            0.0000000000 
_pdbx_struct_oper_list.matrix[3][1]         0.0000000000 
_pdbx_struct_oper_list.matrix[3][2]         0.0000000000 
_pdbx_struct_oper_list.matrix[3][3]         1.0000000000 
_pdbx_struct_oper_list.vector[3]            0.0000000000 
# 
_struct_biol.id   1 
# 
loop_
_struct_conn.id 
_struct_conn.conn_type_id 
_struct_conn.pdbx_leaving_atom_flag 
_struct_conn.pdbx_PDB_id 
_struct_conn.ptnr1_label_asym_id 
_struct_conn.ptnr1_label_comp_id 
_struct_conn.ptnr1_label_seq_id 
_struct_conn.ptnr1_label_atom_id 
_struct_conn.pdbx_ptnr1_label_alt_id 
_struct_conn.pdbx_ptnr1_PDB_ins_code 
_struct_conn.pdbx_ptnr1_standard_comp_id 
_struct_conn.ptnr1_symmetry 
_struct_conn.ptnr2_label_asym_id 
_struct_conn.ptnr2_label_comp_id 
_struct_conn.ptnr2_label_seq_id 
_struct_conn.ptnr2_label_atom_id 
_struct_conn.pdbx_ptnr2_label_alt_id 
_struct_conn.pdbx_ptnr2_PDB_ins_code 
_struct_conn.ptnr1_auth_asym_id 
_struct_conn.ptnr1_auth_comp_id 
_struct_conn.ptnr1_auth_seq_id 
_struct_conn.ptnr2_auth_asym_id 
_struct_conn.ptnr2_auth_comp_id 
_struct_conn.ptnr2_auth_seq_id 
_struct_conn.ptnr2_symmetry 
_struct_conn.pdbx_ptnr3_label_atom_id 
_struct_conn.pdbx_ptnr3_label_seq_id 
_struct_conn.pdbx_ptnr3_label_comp_id 
_struct_conn.pdbx_ptnr3_label_asym_id 
_struct_conn.pdbx_ptnr3_label_alt_id 
_struct_conn.pdbx_ptnr3_PDB_ins_code 
_struct_conn.details 
_struct_conn.pdbx_dist_value 
_struct_conn.pdbx_value_order 
_struct_conn.pdbx_role 
hydrog1  hydrog ? ? A DC 1 N3 ? ? ? 1_555 B DG 9 N1 ? ? A DC 1 B DG 18 1_555 ? ? ? ? ? ? WATSON-CRICK ? ? ? 
hydrog2  hydrog ? ? A DC 1 N4 ? ? ? 1_555 B DG 9 O6 ? ? A DC 1 B DG 18 1_555 ? ? ? ? ? ? WATSON-CRICK ? ? ? 
hydrog3  hydrog ? ? A DC 1 O2 ? ? ? 1_555 B DG 9 N2 ? ? A DC 1 B DG 18 1_555 ? ? ? ? ? ? WATSON-CRICK ? ? ? 
hydrog4  hydrog ? ? A DA 2 N1 ? ? ? 1_555 B DT 8 N3 ? ? A DA 2 B DT 17 1_555 ? ? ? ? ? ? WATSON-CRICK ? ? ? 
hydrog5  hydrog ? ? A DA 2 N6 ? ? ? 1_555 B DT 8 O4 ? ? A DA 2 B DT 17 1_555 ? ? ? ? ? ? WATSON-CRICK ? ? ? 
hydrog6  hydrog ? ? A DT 3 N3 ? ? ? 1_555 B DA 7 N1 ? ? A DT 3 B DA 16 1_555 ? ? ? ? ? ? WATSON-CRICK ? ? ? 
hydrog7  hydrog ? ? A DT 3 O4 ? ? ? 1_555 B DA 7 N6 ? ? A DT 3 B DA 16 1_555 ? ? ? ? ? ? WATSON-CRICK ? ? ? 
hydrog8  hydrog ? ? A DG 4 N1 ? ? ? 1_555 B DC 6 N3 ? ? A DG 4 B DC 15 1_555 ? ? ? ? ? ? WATSON-CRICK ? ? ? 
hydrog9  hydrog ? ? A DG 4 N2 ? ? ? 1_555 B DC 6 O2 ? ? A DG 4 B DC 15 1_555 ? ? ? ? ? ? WATSON-CRICK ? ? ? 
hydrog10 hydrog ? ? A DG 4 O6 ? ? ? 1_555 B DC 6 N4 ? ? A DG 4 B DC 15 1_555 ? ? ? ? ? ? WATSON-CRICK ? ? ? 
hydrog11 hydrog ? ? A DA 5 N1 ? ? ? 1_555 B DT 5 N3 ? ? A DA 5 B DT 14 1_555 ? ? ? ? ? ? WATSON-CRICK ? ? ? 
hydrog12 hydrog ? ? A DA 5 N6 ? ? ? 1_555 B DT 5 O4 ? ? A DA 5 B DT 14 1_555 ? ? ? ? ? ? WATSON-CRICK ? ? ? 
hydrog13 hydrog ? ? A DG 6 N1 ? ? ? 1_555 B DC 4 N3 ? ? A DG 6 B DC 13 1_555 ? ? ? ? ? ? WATSON-CRICK ? ? ? 
hydrog14 hydrog ? ? A DG 6 N2 ? ? ? 1_555 B DC 4 O2 ? ? A DG 6 B DC 13 1_555 ? ? ? ? ? ? WATSON-CRICK ? ? ? 
hydrog15 hydrog ? ? A DG 6 O6 ? ? ? 1_555 B DC 4 N4 ? ? A DG 6 B DC 13 1_555 ? ? ? ? ? ? WATSON-CRICK ? ? ? 
hydrog16 hydrog ? ? A DT 7 N3 ? ? ? 1_555 B DA 3 N1 ? ? A DT 7 B DA 12 1_555 ? ? ? ? ? ? WATSON-CRICK ? ? ? 
hydrog17 hydrog ? ? A DT 7 O4 ? ? ? 1_555 B DA 3 N6 ? ? A DT 7 B DA 12 1_555 ? ? ? ? ? ? WATSON-CRICK ? ? ? 
hydrog18 hydrog ? ? A DA 8 N1 ? ? ? 1_555 B DT 2 N3 ? ? A DA 8 B DT 11 1_555 ? ? ? ? ? ? WATSON-CRICK ? ? ? 
hydrog19 hydrog ? ? A DA 8 N6 ? ? ? 1_555 B DT 2 O4 ? ? A DA 8 B DT 11 1_555 ? ? ? ? ? ? WATSON-CRICK ? ? ? 
hydrog20 hydrog ? ? A DC 9 N3 ? ? ? 1_555 B DG 1 N1 ? ? A DC 9 B DG 10 1_555 ? ? ? ? ? ? WATSON-CRICK ? ? ? 
hydrog21 hydrog ? ? A DC 9 N4 ? ? ? 1_555 B DG 1 O6 ? ? A DC 9 B DG 10 1_555 ? ? ? ? ? ? WATSON-CRICK ? ? ? 
hydrog22 hydrog ? ? A DC 9 O2 ? ? ? 1_555 B DG 1 N2 ? ? A DC 9 B DG 10 1_555 ? ? ? ? ? ? WATSON-CRICK ? ? ? 
# 
_struct_conn_type.id          hydrog 
_struct_conn_type.criteria    ? 
_struct_conn_type.reference   ? 
# 
loop_
_pdbx_validate_close_contact.id 
_pdbx_validate_close_contact.PDB_model_num 
_pdbx_validate_close_contact.auth_atom_id_1 
_pdbx_validate_close_contact.auth_asym_id_1 
_pdbx_validate_close_contact.auth_comp_id_1 
_pdbx_validate_close_contact.auth_seq_id_1 
_pdbx_validate_close_contact.PDB_ins_code_1 
_pdbx_validate_close_contact.label_alt_id_1 
_pdbx_validate_close_contact.auth_atom_id_2 
_pdbx_validate_close_contact.auth_asym_id_2 
_pdbx_validate_close_contact.auth_comp_id_2 
_pdbx_validate_close_contact.auth_seq_id_2 
_pdbx_validate_close_contact.PDB_ins_code_2 
_pdbx_validate_close_contact.label_alt_id_2 
_pdbx_validate_close_contact.dist 
1  1 H21 A DG 6 ? ? O2  B DC 13 ? ? 1.40 
2  1 H21 A DG 4 ? ? O2  B DC 15 ? ? 1.47 
3  1 O2  A DC 1 ? ? H21 B DG 18 ? ? 1.48 
4  1 O2  A DC 9 ? ? H21 B DG 10 ? ? 1.50 
5  1 O6  A DG 4 ? ? H41 B DC 15 ? ? 1.50 
6  1 H41 A DC 9 ? ? O6  B DG 10 ? ? 1.54 
7  1 H1  A DG 6 ? ? N3  B DC 13 ? ? 1.54 
8  1 H1  A DG 4 ? ? N3  B DC 15 ? ? 1.55 
9  1 N1  A DA 8 ? ? H3  B DT 11 ? ? 1.56 
10 1 N1  A DA 5 ? ? H3  B DT 14 ? ? 1.56 
11 1 N1  A DA 2 ? ? H3  B DT 17 ? ? 1.58 
12 1 O6  A DG 6 ? ? H41 B DC 13 ? ? 1.58 
13 1 N3  A DC 1 ? ? H1  B DG 18 ? ? 1.58 
14 1 O4  A DT 7 ? ? H61 B DA 12 ? ? 1.59 
15 1 H3  A DT 7 ? ? N1  B DA 12 ? ? 1.59 
# 
loop_
_pdbx_validate_rmsd_bond.id 
_pdbx_validate_rmsd_bond.PDB_model_num 
_pdbx_validate_rmsd_bond.auth_atom_id_1 
_pdbx_validate_rmsd_bond.auth_asym_id_1 
_pdbx_validate_rmsd_bond.auth_comp_id_1 
_pdbx_validate_rmsd_bond.auth_seq_id_1 
_pdbx_validate_rmsd_bond.PDB_ins_code_1 
_pdbx_validate_rmsd_bond.label_alt_id_1 
_pdbx_validate_rmsd_bond.auth_atom_id_2 
_pdbx_validate_rmsd_bond.auth_asym_id_2 
_pdbx_validate_rmsd_bond.auth_comp_id_2 
_pdbx_validate_rmsd_bond.auth_seq_id_2 
_pdbx_validate_rmsd_bond.PDB_ins_code_2 
_pdbx_validate_rmsd_bond.label_alt_id_2 
_pdbx_validate_rmsd_bond.bond_value 
_pdbx_validate_rmsd_bond.bond_target_value 
_pdbx_validate_rmsd_bond.bond_deviation 
_pdbx_validate_rmsd_bond.bond_standard_deviation 
_pdbx_validate_rmsd_bond.linker_flag 
1 1 C5 A DT 7  ? ? C7 A DT 7  ? ? 1.542 1.496 0.046 0.006 N 
2 1 C5 B DT 17 ? ? C7 B DT 17 ? ? 1.534 1.496 0.038 0.006 N 
# 
loop_
_pdbx_validate_rmsd_angle.id 
_pdbx_validate_rmsd_angle.PDB_model_num 
_pdbx_validate_rmsd_angle.auth_atom_id_1 
_pdbx_validate_rmsd_angle.auth_asym_id_1 
_pdbx_validate_rmsd_angle.auth_comp_id_1 
_pdbx_validate_rmsd_angle.auth_seq_id_1 
_pdbx_validate_rmsd_angle.PDB_ins_code_1 
_pdbx_validate_rmsd_angle.label_alt_id_1 
_pdbx_validate_rmsd_angle.auth_atom_id_2 
_pdbx_validate_rmsd_angle.auth_asym_id_2 
_pdbx_validate_rmsd_angle.auth_comp_id_2 
_pdbx_validate_rmsd_angle.auth_seq_id_2 
_pdbx_validate_rmsd_angle.PDB_ins_code_2 
_pdbx_validate_rmsd_angle.label_alt_id_2 
_pdbx_validate_rmsd_angle.auth_atom_id_3 
_pdbx_validate_rmsd_angle.auth_asym_id_3 
_pdbx_validate_rmsd_angle.auth_comp_id_3 
_pdbx_validate_rmsd_angle.auth_seq_id_3 
_pdbx_validate_rmsd_angle.PDB_ins_code_3 
_pdbx_validate_rmsd_angle.label_alt_id_3 
_pdbx_validate_rmsd_angle.angle_value 
_pdbx_validate_rmsd_angle.angle_target_value 
_pdbx_validate_rmsd_angle.angle_deviation 
_pdbx_validate_rmsd_angle.angle_standard_deviation 
_pdbx_validate_rmsd_angle.linker_flag 
1  1 "O4'" A DG 4  ? ? "C1'" A DG 4  ? ? N9    A DG 4  ? ? 111.92 108.30 3.62  0.30 N 
2  1 N7    A DG 4  ? ? C8    A DG 4  ? ? N9    A DG 4  ? ? 116.41 113.10 3.31  0.50 N 
3  1 "O4'" A DA 5  ? ? "C1'" A DA 5  ? ? N9    A DA 5  ? ? 112.91 108.30 4.61  0.30 N 
4  1 "O4'" A DG 6  ? ? "C1'" A DG 6  ? ? N9    A DG 6  ? ? 112.10 108.30 3.80  0.30 N 
5  1 N7    A DG 6  ? ? C8    A DG 6  ? ? N9    A DG 6  ? ? 116.73 113.10 3.63  0.50 N 
6  1 "O4'" A DA 8  ? ? "C1'" A DA 8  ? ? N9    A DA 8  ? ? 103.23 108.00 -4.77 0.70 N 
7  1 "O4'" A DC 9  ? ? "C1'" A DC 9  ? ? "C2'" A DC 9  ? ? 100.44 105.90 -5.46 0.80 N 
8  1 "O4'" A DC 9  ? ? "C1'" A DC 9  ? ? N1    A DC 9  ? ? 114.23 108.30 5.93  0.30 N 
9  1 N7    B DG 10 ? ? C8    B DG 10 ? ? N9    B DG 10 ? ? 116.59 113.10 3.49  0.50 N 
10 1 "O4'" B DT 11 ? ? "C1'" B DT 11 ? ? N1    B DT 11 ? ? 116.02 108.30 7.72  0.30 N 
11 1 C6    B DT 11 ? ? C5    B DT 11 ? ? C7    B DT 11 ? ? 116.69 122.90 -6.21 0.60 N 
12 1 "O4'" B DA 12 ? ? "C1'" B DA 12 ? ? N9    B DA 12 ? ? 110.20 108.30 1.90  0.30 N 
13 1 "O4'" B DC 13 ? ? "C1'" B DC 13 ? ? N1    B DC 13 ? ? 111.82 108.30 3.52  0.30 N 
14 1 N7    B DA 16 ? ? C8    B DA 16 ? ? N9    B DA 16 ? ? 117.13 113.80 3.33  0.50 N 
15 1 C6    B DT 17 ? ? C5    B DT 17 ? ? C7    B DT 17 ? ? 119.27 122.90 -3.63 0.60 N 
16 1 "C1'" B DG 18 ? ? "O4'" B DG 18 ? ? "C4'" B DG 18 ? ? 104.07 110.10 -6.03 1.00 N 
17 1 "O4'" B DG 18 ? ? "C1'" B DG 18 ? ? N9    B DG 18 ? ? 110.85 108.30 2.55  0.30 N 
18 1 N7    B DG 18 ? ? C8    B DG 18 ? ? N9    B DG 18 ? ? 116.18 113.10 3.08  0.50 N 
# 
_pdbx_nmr_ensemble.entry_id                                      1DK9 
_pdbx_nmr_ensemble.conformers_calculated_total_number            ? 
_pdbx_nmr_ensemble.conformers_submitted_total_number             1 
_pdbx_nmr_ensemble.conformer_selection_criteria                  ? 
_pdbx_nmr_ensemble.average_constraints_per_residue               ? 
_pdbx_nmr_ensemble.average_constraint_violations_per_residue     ? 
_pdbx_nmr_ensemble.maximum_distance_constraint_violation         ? 
_pdbx_nmr_ensemble.average_distance_constraint_violation         ? 
_pdbx_nmr_ensemble.maximum_upper_distance_constraint_violation   ? 
_pdbx_nmr_ensemble.maximum_lower_distance_constraint_violation   ? 
_pdbx_nmr_ensemble.distance_constraint_violation_method          ? 
_pdbx_nmr_ensemble.maximum_torsion_angle_constraint_violation    ? 
_pdbx_nmr_ensemble.average_torsion_angle_constraint_violation    ? 
_pdbx_nmr_ensemble.torsion_angle_constraint_violation_method     ? 
# 
_pdbx_nmr_sample_details.solution_id      1 
_pdbx_nmr_sample_details.contents         '4.5mM duplex, 100mM NaCl, 10mM NaOP, 1mM EDTA' 
_pdbx_nmr_sample_details.solvent_system   '95% H2O/5% D2O' 
# 
_pdbx_nmr_exptl_sample_conditions.conditions_id       1 
_pdbx_nmr_exptl_sample_conditions.temperature         278 
_pdbx_nmr_exptl_sample_conditions.pressure            ambient 
_pdbx_nmr_exptl_sample_conditions.pH                  7 
_pdbx_nmr_exptl_sample_conditions.ionic_strength      ? 
_pdbx_nmr_exptl_sample_conditions.pressure_units      ? 
_pdbx_nmr_exptl_sample_conditions.temperature_units   K 
# 
loop_
_pdbx_nmr_exptl.experiment_id 
_pdbx_nmr_exptl.conditions_id 
_pdbx_nmr_exptl.solution_id 
_pdbx_nmr_exptl.type 
1 1 1 '2D NOESY' 
2 1 1 DQF-COSY   
# 
loop_
_pdbx_nmr_software.name 
_pdbx_nmr_software.version 
_pdbx_nmr_software.classification 
_pdbx_nmr_software.authors 
_pdbx_nmr_software.ordinal 
CORMA     5.2    'iterative matrix relaxation' Liu              1 
MARDIGRAS 5.2    'iterative matrix relaxation' 'Borgias, James' 2 
NMRPipe   7.1    processing                    Delaglio         3 
VNMR      6.1B   collection                    Varian           4 
X-PLOR    V3.840 refinement                    Brunger          5 
PIPP      4.2.7  'data analysis'               Garrett          6 
# 
loop_
_chem_comp_atom.comp_id 
_chem_comp_atom.atom_id 
_chem_comp_atom.type_symbol 
_chem_comp_atom.pdbx_aromatic_flag 
_chem_comp_atom.pdbx_stereo_config 
_chem_comp_atom.pdbx_ordinal 
DA OP3    O N N 1   
DA P      P N N 2   
DA OP1    O N N 3   
DA OP2    O N N 4   
DA "O5'"  O N N 5   
DA "C5'"  C N N 6   
DA "C4'"  C N R 7   
DA "O4'"  O N N 8   
DA "C3'"  C N S 9   
DA "O3'"  O N N 10  
DA "C2'"  C N N 11  
DA "C1'"  C N R 12  
DA N9     N Y N 13  
DA C8     C Y N 14  
DA N7     N Y N 15  
DA C5     C Y N 16  
DA C6     C Y N 17  
DA N6     N N N 18  
DA N1     N Y N 19  
DA C2     C Y N 20  
DA N3     N Y N 21  
DA C4     C Y N 22  
DA HOP3   H N N 23  
DA HOP2   H N N 24  
DA "H5'"  H N N 25  
DA "H5''" H N N 26  
DA "H4'"  H N N 27  
DA "H3'"  H N N 28  
DA "HO3'" H N N 29  
DA "H2'"  H N N 30  
DA "H2''" H N N 31  
DA "H1'"  H N N 32  
DA H8     H N N 33  
DA H61    H N N 34  
DA H62    H N N 35  
DA H2     H N N 36  
DC OP3    O N N 37  
DC P      P N N 38  
DC OP1    O N N 39  
DC OP2    O N N 40  
DC "O5'"  O N N 41  
DC "C5'"  C N N 42  
DC "C4'"  C N R 43  
DC "O4'"  O N N 44  
DC "C3'"  C N S 45  
DC "O3'"  O N N 46  
DC "C2'"  C N N 47  
DC "C1'"  C N R 48  
DC N1     N N N 49  
DC C2     C N N 50  
DC O2     O N N 51  
DC N3     N N N 52  
DC C4     C N N 53  
DC N4     N N N 54  
DC C5     C N N 55  
DC C6     C N N 56  
DC HOP3   H N N 57  
DC HOP2   H N N 58  
DC "H5'"  H N N 59  
DC "H5''" H N N 60  
DC "H4'"  H N N 61  
DC "H3'"  H N N 62  
DC "HO3'" H N N 63  
DC "H2'"  H N N 64  
DC "H2''" H N N 65  
DC "H1'"  H N N 66  
DC H41    H N N 67  
DC H42    H N N 68  
DC H5     H N N 69  
DC H6     H N N 70  
DG OP3    O N N 71  
DG P      P N N 72  
DG OP1    O N N 73  
DG OP2    O N N 74  
DG "O5'"  O N N 75  
DG "C5'"  C N N 76  
DG "C4'"  C N R 77  
DG "O4'"  O N N 78  
DG "C3'"  C N S 79  
DG "O3'"  O N N 80  
DG "C2'"  C N N 81  
DG "C1'"  C N R 82  
DG N9     N Y N 83  
DG C8     C Y N 84  
DG N7     N Y N 85  
DG C5     C Y N 86  
DG C6     C N N 87  
DG O6     O N N 88  
DG N1     N N N 89  
DG C2     C N N 90  
DG N2     N N N 91  
DG N3     N N N 92  
DG C4     C Y N 93  
DG HOP3   H N N 94  
DG HOP2   H N N 95  
DG "H5'"  H N N 96  
DG "H5''" H N N 97  
DG "H4'"  H N N 98  
DG "H3'"  H N N 99  
DG "HO3'" H N N 100 
DG "H2'"  H N N 101 
DG "H2''" H N N 102 
DG "H1'"  H N N 103 
DG H8     H N N 104 
DG H1     H N N 105 
DG H21    H N N 106 
DG H22    H N N 107 
DT OP3    O N N 108 
DT P      P N N 109 
DT OP1    O N N 110 
DT OP2    O N N 111 
DT "O5'"  O N N 112 
DT "C5'"  C N N 113 
DT "C4'"  C N R 114 
DT "O4'"  O N N 115 
DT "C3'"  C N S 116 
DT "O3'"  O N N 117 
DT "C2'"  C N N 118 
DT "C1'"  C N R 119 
DT N1     N N N 120 
DT C2     C N N 121 
DT O2     O N N 122 
DT N3     N N N 123 
DT C4     C N N 124 
DT O4     O N N 125 
DT C5     C N N 126 
DT C7     C N N 127 
DT C6     C N N 128 
DT HOP3   H N N 129 
DT HOP2   H N N 130 
DT "H5'"  H N N 131 
DT "H5''" H N N 132 
DT "H4'"  H N N 133 
DT "H3'"  H N N 134 
DT "HO3'" H N N 135 
DT "H2'"  H N N 136 
DT "H2''" H N N 137 
DT "H1'"  H N N 138 
DT H3     H N N 139 
DT H71    H N N 140 
DT H72    H N N 141 
DT H73    H N N 142 
DT H6     H N N 143 
# 
loop_
_chem_comp_bond.comp_id 
_chem_comp_bond.atom_id_1 
_chem_comp_bond.atom_id_2 
_chem_comp_bond.value_order 
_chem_comp_bond.pdbx_aromatic_flag 
_chem_comp_bond.pdbx_stereo_config 
_chem_comp_bond.pdbx_ordinal 
DA OP3   P      sing N N 1   
DA OP3   HOP3   sing N N 2   
DA P     OP1    doub N N 3   
DA P     OP2    sing N N 4   
DA P     "O5'"  sing N N 5   
DA OP2   HOP2   sing N N 6   
DA "O5'" "C5'"  sing N N 7   
DA "C5'" "C4'"  sing N N 8   
DA "C5'" "H5'"  sing N N 9   
DA "C5'" "H5''" sing N N 10  
DA "C4'" "O4'"  sing N N 11  
DA "C4'" "C3'"  sing N N 12  
DA "C4'" "H4'"  sing N N 13  
DA "O4'" "C1'"  sing N N 14  
DA "C3'" "O3'"  sing N N 15  
DA "C3'" "C2'"  sing N N 16  
DA "C3'" "H3'"  sing N N 17  
DA "O3'" "HO3'" sing N N 18  
DA "C2'" "C1'"  sing N N 19  
DA "C2'" "H2'"  sing N N 20  
DA "C2'" "H2''" sing N N 21  
DA "C1'" N9     sing N N 22  
DA "C1'" "H1'"  sing N N 23  
DA N9    C8     sing Y N 24  
DA N9    C4     sing Y N 25  
DA C8    N7     doub Y N 26  
DA C8    H8     sing N N 27  
DA N7    C5     sing Y N 28  
DA C5    C6     sing Y N 29  
DA C5    C4     doub Y N 30  
DA C6    N6     sing N N 31  
DA C6    N1     doub Y N 32  
DA N6    H61    sing N N 33  
DA N6    H62    sing N N 34  
DA N1    C2     sing Y N 35  
DA C2    N3     doub Y N 36  
DA C2    H2     sing N N 37  
DA N3    C4     sing Y N 38  
DC OP3   P      sing N N 39  
DC OP3   HOP3   sing N N 40  
DC P     OP1    doub N N 41  
DC P     OP2    sing N N 42  
DC P     "O5'"  sing N N 43  
DC OP2   HOP2   sing N N 44  
DC "O5'" "C5'"  sing N N 45  
DC "C5'" "C4'"  sing N N 46  
DC "C5'" "H5'"  sing N N 47  
DC "C5'" "H5''" sing N N 48  
DC "C4'" "O4'"  sing N N 49  
DC "C4'" "C3'"  sing N N 50  
DC "C4'" "H4'"  sing N N 51  
DC "O4'" "C1'"  sing N N 52  
DC "C3'" "O3'"  sing N N 53  
DC "C3'" "C2'"  sing N N 54  
DC "C3'" "H3'"  sing N N 55  
DC "O3'" "HO3'" sing N N 56  
DC "C2'" "C1'"  sing N N 57  
DC "C2'" "H2'"  sing N N 58  
DC "C2'" "H2''" sing N N 59  
DC "C1'" N1     sing N N 60  
DC "C1'" "H1'"  sing N N 61  
DC N1    C2     sing N N 62  
DC N1    C6     sing N N 63  
DC C2    O2     doub N N 64  
DC C2    N3     sing N N 65  
DC N3    C4     doub N N 66  
DC C4    N4     sing N N 67  
DC C4    C5     sing N N 68  
DC N4    H41    sing N N 69  
DC N4    H42    sing N N 70  
DC C5    C6     doub N N 71  
DC C5    H5     sing N N 72  
DC C6    H6     sing N N 73  
DG OP3   P      sing N N 74  
DG OP3   HOP3   sing N N 75  
DG P     OP1    doub N N 76  
DG P     OP2    sing N N 77  
DG P     "O5'"  sing N N 78  
DG OP2   HOP2   sing N N 79  
DG "O5'" "C5'"  sing N N 80  
DG "C5'" "C4'"  sing N N 81  
DG "C5'" "H5'"  sing N N 82  
DG "C5'" "H5''" sing N N 83  
DG "C4'" "O4'"  sing N N 84  
DG "C4'" "C3'"  sing N N 85  
DG "C4'" "H4'"  sing N N 86  
DG "O4'" "C1'"  sing N N 87  
DG "C3'" "O3'"  sing N N 88  
DG "C3'" "C2'"  sing N N 89  
DG "C3'" "H3'"  sing N N 90  
DG "O3'" "HO3'" sing N N 91  
DG "C2'" "C1'"  sing N N 92  
DG "C2'" "H2'"  sing N N 93  
DG "C2'" "H2''" sing N N 94  
DG "C1'" N9     sing N N 95  
DG "C1'" "H1'"  sing N N 96  
DG N9    C8     sing Y N 97  
DG N9    C4     sing Y N 98  
DG C8    N7     doub Y N 99  
DG C8    H8     sing N N 100 
DG N7    C5     sing Y N 101 
DG C5    C6     sing N N 102 
DG C5    C4     doub Y N 103 
DG C6    O6     doub N N 104 
DG C6    N1     sing N N 105 
DG N1    C2     sing N N 106 
DG N1    H1     sing N N 107 
DG C2    N2     sing N N 108 
DG C2    N3     doub N N 109 
DG N2    H21    sing N N 110 
DG N2    H22    sing N N 111 
DG N3    C4     sing N N 112 
DT OP3   P      sing N N 113 
DT OP3   HOP3   sing N N 114 
DT P     OP1    doub N N 115 
DT P     OP2    sing N N 116 
DT P     "O5'"  sing N N 117 
DT OP2   HOP2   sing N N 118 
DT "O5'" "C5'"  sing N N 119 
DT "C5'" "C4'"  sing N N 120 
DT "C5'" "H5'"  sing N N 121 
DT "C5'" "H5''" sing N N 122 
DT "C4'" "O4'"  sing N N 123 
DT "C4'" "C3'"  sing N N 124 
DT "C4'" "H4'"  sing N N 125 
DT "O4'" "C1'"  sing N N 126 
DT "C3'" "O3'"  sing N N 127 
DT "C3'" "C2'"  sing N N 128 
DT "C3'" "H3'"  sing N N 129 
DT "O3'" "HO3'" sing N N 130 
DT "C2'" "C1'"  sing N N 131 
DT "C2'" "H2'"  sing N N 132 
DT "C2'" "H2''" sing N N 133 
DT "C1'" N1     sing N N 134 
DT "C1'" "H1'"  sing N N 135 
DT N1    C2     sing N N 136 
DT N1    C6     sing N N 137 
DT C2    O2     doub N N 138 
DT C2    N3     sing N N 139 
DT N3    C4     sing N N 140 
DT N3    H3     sing N N 141 
DT C4    O4     doub N N 142 
DT C4    C5     sing N N 143 
DT C5    C7     sing N N 144 
DT C5    C6     doub N N 145 
DT C7    H71    sing N N 146 
DT C7    H72    sing N N 147 
DT C7    H73    sing N N 148 
DT C6    H6     sing N N 149 
# 
loop_
_ndb_struct_conf_na.entry_id 
_ndb_struct_conf_na.feature 
1DK9 'double helix'        
1DK9 'b-form double helix' 
# 
loop_
_ndb_struct_na_base_pair.model_number 
_ndb_struct_na_base_pair.i_label_asym_id 
_ndb_struct_na_base_pair.i_label_comp_id 
_ndb_struct_na_base_pair.i_label_seq_id 
_ndb_struct_na_base_pair.i_symmetry 
_ndb_struct_na_base_pair.j_label_asym_id 
_ndb_struct_na_base_pair.j_label_comp_id 
_ndb_struct_na_base_pair.j_label_seq_id 
_ndb_struct_na_base_pair.j_symmetry 
_ndb_struct_na_base_pair.shear 
_ndb_struct_na_base_pair.stretch 
_ndb_struct_na_base_pair.stagger 
_ndb_struct_na_base_pair.buckle 
_ndb_struct_na_base_pair.propeller 
_ndb_struct_na_base_pair.opening 
_ndb_struct_na_base_pair.pair_number 
_ndb_struct_na_base_pair.pair_name 
_ndb_struct_na_base_pair.i_auth_asym_id 
_ndb_struct_na_base_pair.i_auth_seq_id 
_ndb_struct_na_base_pair.i_PDB_ins_code 
_ndb_struct_na_base_pair.j_auth_asym_id 
_ndb_struct_na_base_pair.j_auth_seq_id 
_ndb_struct_na_base_pair.j_PDB_ins_code 
_ndb_struct_na_base_pair.hbond_type_28 
_ndb_struct_na_base_pair.hbond_type_12 
1 A DC 1 1_555 B DG 9 1_555 0.299  -0.468 0.156  11.032  -20.539 0.988  1 A_DC1:DG18_B A 1 ? B 18 ? 19 1 
1 A DA 2 1_555 B DT 8 1_555 0.108  -0.357 0.360  3.758   -9.696  4.559  2 A_DA2:DT17_B A 2 ? B 17 ? 20 1 
1 A DT 3 1_555 B DA 7 1_555 0.124  -0.326 0.573  1.353   -12.621 10.682 3 A_DT3:DA16_B A 3 ? B 16 ? 20 1 
1 A DG 4 1_555 B DC 6 1_555 -0.157 -0.485 0.084  3.994   -1.764  -0.372 4 A_DG4:DC15_B A 4 ? B 15 ? 19 1 
1 A DA 5 1_555 B DT 5 1_555 0.296  -0.370 -0.111 -1.271  -7.882  3.075  5 A_DA5:DT14_B A 5 ? B 14 ? 20 1 
1 A DG 6 1_555 B DC 4 1_555 -0.273 -0.508 0.136  -5.926  -10.084 2.040  6 A_DG6:DC13_B A 6 ? B 13 ? 19 1 
1 A DT 7 1_555 B DA 3 1_555 -0.083 -0.359 0.069  -15.253 -0.937  -1.035 7 A_DT7:DA12_B A 7 ? B 12 ? 20 1 
1 A DA 8 1_555 B DT 2 1_555 0.043  -0.377 -0.264 -15.567 -3.001  1.908  8 A_DA8:DT11_B A 8 ? B 11 ? 20 1 
1 A DC 9 1_555 B DG 1 1_555 0.324  -0.466 0.302  -11.700 2.336   -0.778 9 A_DC9:DG10_B A 9 ? B 10 ? 19 1 
# 
loop_
_ndb_struct_na_base_pair_step.model_number 
_ndb_struct_na_base_pair_step.i_label_asym_id_1 
_ndb_struct_na_base_pair_step.i_label_comp_id_1 
_ndb_struct_na_base_pair_step.i_label_seq_id_1 
_ndb_struct_na_base_pair_step.i_symmetry_1 
_ndb_struct_na_base_pair_step.j_label_asym_id_1 
_ndb_struct_na_base_pair_step.j_label_comp_id_1 
_ndb_struct_na_base_pair_step.j_label_seq_id_1 
_ndb_struct_na_base_pair_step.j_symmetry_1 
_ndb_struct_na_base_pair_step.i_label_asym_id_2 
_ndb_struct_na_base_pair_step.i_label_comp_id_2 
_ndb_struct_na_base_pair_step.i_label_seq_id_2 
_ndb_struct_na_base_pair_step.i_symmetry_2 
_ndb_struct_na_base_pair_step.j_label_asym_id_2 
_ndb_struct_na_base_pair_step.j_label_comp_id_2 
_ndb_struct_na_base_pair_step.j_label_seq_id_2 
_ndb_struct_na_base_pair_step.j_symmetry_2 
_ndb_struct_na_base_pair_step.shift 
_ndb_struct_na_base_pair_step.slide 
_ndb_struct_na_base_pair_step.rise 
_ndb_struct_na_base_pair_step.tilt 
_ndb_struct_na_base_pair_step.roll 
_ndb_struct_na_base_pair_step.twist 
_ndb_struct_na_base_pair_step.x_displacement 
_ndb_struct_na_base_pair_step.y_displacement 
_ndb_struct_na_base_pair_step.helical_rise 
_ndb_struct_na_base_pair_step.inclination 
_ndb_struct_na_base_pair_step.tip 
_ndb_struct_na_base_pair_step.helical_twist 
_ndb_struct_na_base_pair_step.step_number 
_ndb_struct_na_base_pair_step.step_name 
_ndb_struct_na_base_pair_step.i_auth_asym_id_1 
_ndb_struct_na_base_pair_step.i_auth_seq_id_1 
_ndb_struct_na_base_pair_step.i_PDB_ins_code_1 
_ndb_struct_na_base_pair_step.j_auth_asym_id_1 
_ndb_struct_na_base_pair_step.j_auth_seq_id_1 
_ndb_struct_na_base_pair_step.j_PDB_ins_code_1 
_ndb_struct_na_base_pair_step.i_auth_asym_id_2 
_ndb_struct_na_base_pair_step.i_auth_seq_id_2 
_ndb_struct_na_base_pair_step.i_PDB_ins_code_2 
_ndb_struct_na_base_pair_step.j_auth_asym_id_2 
_ndb_struct_na_base_pair_step.j_auth_seq_id_2 
_ndb_struct_na_base_pair_step.j_PDB_ins_code_2 
1 A DC 1 1_555 B DG 9 1_555 A DA 2 1_555 B DT 8 1_555 -0.296 -1.368 2.928 -3.550 11.459 30.144 -4.125 0.012  2.288 21.018 6.512  
32.392 1 AA_DC1DA2:DT17DG18_BB A 1 ? B 18 ? A 2 ? B 17 ? 
1 A DA 2 1_555 B DT 8 1_555 A DT 3 1_555 B DA 7 1_555 0.290  -0.913 3.109 -0.842 -5.535 37.038 -0.717 -0.559 3.201 -8.652 1.316  
37.445 2 AA_DA2DT3:DA16DT17_BB A 2 ? B 17 ? A 3 ? B 16 ? 
1 A DT 3 1_555 B DA 7 1_555 A DG 4 1_555 B DC 6 1_555 -0.248 -0.825 2.799 2.620  1.327  37.794 -1.414 0.667  2.747 2.044  -4.038 
37.904 3 AA_DT3DG4:DC15DA16_BB A 3 ? B 16 ? A 4 ? B 15 ? 
1 A DG 4 1_555 B DC 6 1_555 A DA 5 1_555 B DT 5 1_555 0.103  -0.842 3.104 2.900  3.535  40.506 -1.576 0.153  3.023 5.086  -4.172 
40.752 4 AA_DG4DA5:DT14DC15_BB A 4 ? B 15 ? A 5 ? B 14 ? 
1 A DA 5 1_555 B DT 5 1_555 A DG 6 1_555 B DC 4 1_555 -0.182 -1.149 3.075 -2.708 3.553  34.696 -2.408 -0.075 2.952 5.928  4.518  
34.973 5 AA_DA5DG6:DC13DT14_BB A 5 ? B 14 ? A 6 ? B 13 ? 
1 A DG 6 1_555 B DC 4 1_555 A DT 7 1_555 B DA 3 1_555 -0.119 -1.051 3.308 3.786  -5.527 42.438 -0.871 0.550  3.390 -7.579 -5.191 
42.940 6 AA_DG6DT7:DA12DC13_BB A 6 ? B 13 ? A 7 ? B 12 ? 
1 A DT 7 1_555 B DA 3 1_555 A DA 8 1_555 B DT 2 1_555 0.385  -0.621 2.988 4.238  7.570  39.265 -1.682 -0.125 2.850 11.101 -6.214 
40.176 7 AA_DT7DA8:DT11DA12_BB A 7 ? B 12 ? A 8 ? B 11 ? 
1 A DA 8 1_555 B DT 2 1_555 A DC 9 1_555 B DG 1 1_555 0.252  -0.624 3.047 -4.660 -2.074 29.665 -0.807 -1.374 3.009 -4.014 9.018  
30.090 8 AA_DA8DC9:DG10DT11_BB A 8 ? B 11 ? A 9 ? B 10 ? 
# 
_pdbx_nmr_spectrometer.spectrometer_id   1 
_pdbx_nmr_spectrometer.type              ? 
_pdbx_nmr_spectrometer.manufacturer      Varian 
_pdbx_nmr_spectrometer.model             INOVA 
_pdbx_nmr_spectrometer.field_strength    600 
# 
_atom_sites.entry_id                    1DK9 
_atom_sites.fract_transf_matrix[1][1]   1.000000 
_atom_sites.fract_transf_matrix[1][2]   0.000000 
_atom_sites.fract_transf_matrix[1][3]   0.000000 
_atom_sites.fract_transf_matrix[2][1]   0.000000 
_atom_sites.fract_transf_matrix[2][2]   1.000000 
_atom_sites.fract_transf_matrix[2][3]   0.000000 
_atom_sites.fract_transf_matrix[3][1]   0.000000 
_atom_sites.fract_transf_matrix[3][2]   0.000000 
_atom_sites.fract_transf_matrix[3][3]   1.000000 
_atom_sites.fract_transf_vector[1]      0.00000 
_atom_sites.fract_transf_vector[2]      0.00000 
_atom_sites.fract_transf_vector[3]      0.00000 
# 
loop_
_atom_type.symbol 
C 
H 
N 
O 
P 
# 
loop_
_atom_site.group_PDB 
_atom_site.id 
_atom_site.type_symbol 
_atom_site.label_atom_id 
_atom_site.label_alt_id 
_atom_site.label_comp_id 
_atom_site.label_asym_id 
_atom_site.label_entity_id 
_atom_site.label_seq_id 
_atom_site.pdbx_PDB_ins_code 
_atom_site.Cartn_x 
_atom_site.Cartn_y 
_atom_site.Cartn_z 
_atom_site.occupancy 
_atom_site.B_iso_or_equiv 
_atom_site.pdbx_formal_charge 
_atom_site.auth_seq_id 
_atom_site.auth_comp_id 
_atom_site.auth_asym_id 
_atom_site.auth_atom_id 
_atom_site.pdbx_PDB_model_num 
ATOM 1   O "O5'"  . DC A 1 1 ? -2.333  9.433   11.446  1.00 1.56 ? 1  DC A "O5'"  1 
ATOM 2   C "C5'"  . DC A 1 1 ? -3.320  10.468  11.506  1.00 0.98 ? 1  DC A "C5'"  1 
ATOM 3   C "C4'"  . DC A 1 1 ? -4.024  10.639  10.160  1.00 0.83 ? 1  DC A "C4'"  1 
ATOM 4   O "O4'"  . DC A 1 1 ? -3.065  10.936  9.131   1.00 0.77 ? 1  DC A "O4'"  1 
ATOM 5   C "C3'"  . DC A 1 1 ? -4.797  9.391   9.712   1.00 0.75 ? 1  DC A "C3'"  1 
ATOM 6   O "O3'"  . DC A 1 1 ? -6.180  9.717   9.488   1.00 0.76 ? 1  DC A "O3'"  1 
ATOM 7   C "C2'"  . DC A 1 1 ? -4.081  8.992   8.439   1.00 0.65 ? 1  DC A "C2'"  1 
ATOM 8   C "C1'"  . DC A 1 1 ? -3.464  10.276  7.924   1.00 0.65 ? 1  DC A "C1'"  1 
ATOM 9   N N1     . DC A 1 1 ? -2.254  10.135  7.081   1.00 0.59 ? 1  DC A N1     1 
ATOM 10  C C2     . DC A 1 1 ? -2.231  10.729  5.832   1.00 0.52 ? 1  DC A C2     1 
ATOM 11  O O2     . DC A 1 1 ? -3.200  11.349  5.404   1.00 0.52 ? 1  DC A O2     1 
ATOM 12  N N3     . DC A 1 1 ? -1.107  10.613  5.075   1.00 0.48 ? 1  DC A N3     1 
ATOM 13  C C4     . DC A 1 1 ? -0.044  9.939   5.528   1.00 0.50 ? 1  DC A C4     1 
ATOM 14  N N4     . DC A 1 1 ? 1.033   9.862   4.751   1.00 0.48 ? 1  DC A N4     1 
ATOM 15  C C5     . DC A 1 1 ? -0.057  9.318   6.818   1.00 0.59 ? 1  DC A C5     1 
ATOM 16  C C6     . DC A 1 1 ? -1.183  9.448   7.549   1.00 0.63 ? 1  DC A C6     1 
ATOM 17  H "H5'"  . DC A 1 1 ? -2.826  11.405  11.763  1.00 1.51 ? 1  DC A "H5'"  1 
ATOM 18  H "H5''" . DC A 1 1 ? -4.054  10.229  12.276  1.00 1.44 ? 1  DC A "H5''" 1 
ATOM 19  H "H4'"  . DC A 1 1 ? -4.733  11.463  10.212  1.00 0.87 ? 1  DC A "H4'"  1 
ATOM 20  H "H3'"  . DC A 1 1 ? -4.709  8.594   10.450  1.00 0.82 ? 1  DC A "H3'"  1 
ATOM 21  H "H2'"  . DC A 1 1 ? -3.326  8.241   8.664   1.00 0.66 ? 1  DC A "H2'"  1 
ATOM 22  H "H2''" . DC A 1 1 ? -4.801  8.597   7.735   1.00 0.60 ? 1  DC A "H2''" 1 
ATOM 23  H "H1'"  . DC A 1 1 ? -4.229  10.812  7.384   1.00 0.63 ? 1  DC A "H1'"  1 
ATOM 24  H H41    . DC A 1 1 ? 1.031   10.319  3.844   1.00 0.56 ? 1  DC A H41    1 
ATOM 25  H H42    . DC A 1 1 ? 1.851   9.358   5.060   1.00 0.67 ? 1  DC A H42    1 
ATOM 26  H H5     . DC A 1 1 ? 0.804   8.765   7.194   1.00 0.64 ? 1  DC A H5     1 
ATOM 27  H H6     . DC A 1 1 ? -1.293  9.018   8.541   1.00 0.72 ? 1  DC A H6     1 
ATOM 28  H "HO5'" . DC A 1 1 ? -1.818  9.609   10.655  1.00 1.95 ? 1  DC A "HO5'" 1 
ATOM 29  P P      . DA A 1 2 ? -7.245  8.683   8.842   1.00 0.74 ? 2  DA A P      1 
ATOM 30  O OP1    . DA A 1 2 ? -8.604  9.205   9.109   1.00 1.37 ? 2  DA A OP1    1 
ATOM 31  O OP2    . DA A 1 2 ? -6.889  7.316   9.284   1.00 1.62 ? 2  DA A OP2    1 
ATOM 32  O "O5'"  . DA A 1 2 ? -6.945  8.800   7.252   1.00 0.65 ? 2  DA A "O5'"  1 
ATOM 33  C "C5'"  . DA A 1 2 ? -7.632  9.751   6.416   1.00 0.64 ? 2  DA A "C5'"  1 
ATOM 34  C "C4'"  . DA A 1 2 ? -7.491  9.453   4.916   1.00 0.56 ? 2  DA A "C4'"  1 
ATOM 35  O "O4'"  . DA A 1 2 ? -6.156  9.645   4.395   1.00 0.48 ? 2  DA A "O4'"  1 
ATOM 36  C "C3'"  . DA A 1 2 ? -7.913  8.019   4.570   1.00 0.55 ? 2  DA A "C3'"  1 
ATOM 37  O "O3'"  . DA A 1 2 ? -8.910  8.014   3.533   1.00 0.58 ? 2  DA A "O3'"  1 
ATOM 38  C "C2'"  . DA A 1 2 ? -6.585  7.416   4.231   1.00 0.48 ? 2  DA A "C2'"  1 
ATOM 39  C "C1'"  . DA A 1 2 ? -5.810  8.522   3.571   1.00 0.41 ? 2  DA A "C1'"  1 
ATOM 40  N N9     . DA A 1 2 ? -4.346  8.347   3.624   1.00 0.37 ? 2  DA A N9     1 
ATOM 41  C C8     . DA A 1 2 ? -3.558  7.969   4.667   1.00 0.41 ? 2  DA A C8     1 
ATOM 42  N N7     . DA A 1 2 ? -2.281  7.924   4.444   1.00 0.39 ? 2  DA A N7     1 
ATOM 43  C C5     . DA A 1 2 ? -2.212  8.313   3.106   1.00 0.33 ? 2  DA A C5     1 
ATOM 44  C C6     . DA A 1 2 ? -1.142  8.449   2.218   1.00 0.32 ? 2  DA A C6     1 
ATOM 45  N N6     . DA A 1 2 ? 0.124   8.247   2.561   1.00 0.38 ? 2  DA A N6     1 
ATOM 46  N N1     . DA A 1 2 ? -1.419  8.811   0.960   1.00 0.29 ? 2  DA A N1     1 
ATOM 47  C C2     . DA A 1 2 ? -2.683  9.028   0.598   1.00 0.27 ? 2  DA A C2     1 
ATOM 48  N N3     . DA A 1 2 ? -3.774  8.936   1.338   1.00 0.28 ? 2  DA A N3     1 
ATOM 49  C C4     . DA A 1 2 ? -3.462  8.569   2.601   1.00 0.31 ? 2  DA A C4     1 
ATOM 50  H "H5'"  . DA A 1 2 ? -7.256  10.757  6.610   1.00 0.66 ? 2  DA A "H5'"  1 
ATOM 51  H "H5''" . DA A 1 2 ? -8.695  9.721   6.660   1.00 0.70 ? 2  DA A "H5''" 1 
ATOM 52  H "H4'"  . DA A 1 2 ? -8.160  10.119  4.369   1.00 0.58 ? 2  DA A "H4'"  1 
ATOM 53  H "H3'"  . DA A 1 2 ? -8.260  7.475   5.447   1.00 0.60 ? 2  DA A "H3'"  1 
ATOM 54  H "H2'"  . DA A 1 2 ? -6.137  7.202   5.196   1.00 0.52 ? 2  DA A "H2'"  1 
ATOM 55  H "H2''" . DA A 1 2 ? -6.654  6.521   3.621   1.00 0.48 ? 2  DA A "H2''" 1 
ATOM 56  H "H1'"  . DA A 1 2 ? -6.150  8.602   2.540   1.00 0.38 ? 2  DA A "H1'"  1 
ATOM 57  H H8     . DA A 1 2 ? -3.984  7.713   5.632   1.00 0.47 ? 2  DA A H8     1 
ATOM 58  H H61    . DA A 1 2 ? 0.850   8.387   1.868   1.00 0.58 ? 2  DA A H61    1 
ATOM 59  H H62    . DA A 1 2 ? 0.360   7.960   3.499   1.00 0.54 ? 2  DA A H62    1 
ATOM 60  H H2     . DA A 1 2 ? -2.835  9.315   -0.445  1.00 0.27 ? 2  DA A H2     1 
ATOM 61  P P      . DT A 1 3 ? -9.325  6.738   2.626   1.00 0.62 ? 3  DT A P      1 
ATOM 62  O OP1    . DT A 1 3 ? -10.732 6.913   2.203   1.00 1.48 ? 3  DT A OP1    1 
ATOM 63  O OP2    . DT A 1 3 ? -8.912  5.502   3.331   1.00 1.44 ? 3  DT A OP2    1 
ATOM 64  O "O5'"  . DT A 1 3 ? -8.368  6.912   1.329   1.00 0.61 ? 3  DT A "O5'"  1 
ATOM 65  C "C5'"  . DT A 1 3 ? -8.500  8.027   0.426   1.00 0.69 ? 3  DT A "C5'"  1 
ATOM 66  C "C4'"  . DT A 1 3 ? -7.593  7.943   -0.813  1.00 0.59 ? 3  DT A "C4'"  1 
ATOM 67  O "O4'"  . DT A 1 3 ? -6.191  7.934   -0.468  1.00 0.53 ? 3  DT A "O4'"  1 
ATOM 68  C "C3'"  . DT A 1 3 ? -7.847  6.725   -1.714  1.00 0.59 ? 3  DT A "C3'"  1 
ATOM 69  O "O3'"  . DT A 1 3 ? -7.889  7.109   -3.100  1.00 0.69 ? 3  DT A "O3'"  1 
ATOM 70  C "C2'"  . DT A 1 3 ? -6.666  5.841   -1.370  1.00 0.46 ? 3  DT A "C2'"  1 
ATOM 71  C "C1'"  . DT A 1 3 ? -5.543  6.828   -1.107  1.00 0.41 ? 3  DT A "C1'"  1 
ATOM 72  N N1     . DT A 1 3 ? -4.504  6.307   -0.186  1.00 0.34 ? 3  DT A N1     1 
ATOM 73  C C2     . DT A 1 3 ? -3.194  6.299   -0.627  1.00 0.30 ? 3  DT A C2     1 
ATOM 74  O O2     . DT A 1 3 ? -2.842  6.685   -1.735  1.00 0.33 ? 3  DT A O2     1 
ATOM 75  N N3     . DT A 1 3 ? -2.266  5.824   0.259   1.00 0.28 ? 3  DT A N3     1 
ATOM 76  C C4     . DT A 1 3 ? -2.496  5.357   1.522   1.00 0.30 ? 3  DT A C4     1 
ATOM 77  O O4     . DT A 1 3 ? -1.546  4.971   2.199   1.00 0.33 ? 3  DT A O4     1 
ATOM 78  C C5     . DT A 1 3 ? -3.884  5.391   1.916   1.00 0.34 ? 3  DT A C5     1 
ATOM 79  C C7     . DT A 1 3 ? -4.292  4.891   3.302   1.00 0.41 ? 3  DT A C7     1 
ATOM 80  C C6     . DT A 1 3 ? -4.826  5.856   1.070   1.00 0.35 ? 3  DT A C6     1 
ATOM 81  H "H5'"  . DT A 1 3 ? -8.238  8.939   0.965   1.00 0.96 ? 3  DT A "H5'"  1 
ATOM 82  H "H5''" . DT A 1 3 ? -9.536  8.102   0.092   1.00 0.87 ? 3  DT A "H5''" 1 
ATOM 83  H "H4'"  . DT A 1 3 ? -7.775  8.828   -1.423  1.00 0.66 ? 3  DT A "H4'"  1 
ATOM 84  H "H3'"  . DT A 1 3 ? -8.801  6.261   -1.457  1.00 0.68 ? 3  DT A "H3'"  1 
ATOM 85  H "H2'"  . DT A 1 3 ? -6.917  5.285   -0.469  1.00 0.47 ? 3  DT A "H2'"  1 
ATOM 86  H "H2''" . DT A 1 3 ? -6.392  5.137   -2.151  1.00 0.44 ? 3  DT A "H2''" 1 
ATOM 87  H "H1'"  . DT A 1 3 ? -5.116  7.147   -2.058  1.00 0.41 ? 3  DT A "H1'"  1 
ATOM 88  H H3     . DT A 1 3 ? -1.308  5.821   -0.051  1.00 0.28 ? 3  DT A H3     1 
ATOM 89  H H71    . DT A 1 3 ? -3.423  4.492   3.823   1.00 1.09 ? 3  DT A H71    1 
ATOM 90  H H72    . DT A 1 3 ? -5.046  4.111   3.197   1.00 1.10 ? 3  DT A H72    1 
ATOM 91  H H73    . DT A 1 3 ? -4.703  5.712   3.882   1.00 1.13 ? 3  DT A H73    1 
ATOM 92  H H6     . DT A 1 3 ? -5.866  5.880   1.397   1.00 0.40 ? 3  DT A H6     1 
ATOM 93  P P      . DG A 1 4 ? -8.168  6.051   -4.293  1.00 0.74 ? 4  DG A P      1 
ATOM 94  O OP1    . DG A 1 4 ? -8.824  6.772   -5.408  1.00 1.73 ? 4  DG A OP1    1 
ATOM 95  O OP2    . DG A 1 4 ? -8.815  4.851   -3.716  1.00 1.30 ? 4  DG A OP2    1 
ATOM 96  O "O5'"  . DG A 1 4 ? -6.675  5.644   -4.758  1.00 0.59 ? 4  DG A "O5'"  1 
ATOM 97  C "C5'"  . DG A 1 4 ? -5.943  6.401   -5.741  1.00 0.55 ? 4  DG A "C5'"  1 
ATOM 98  C "C4'"  . DG A 1 4 ? -4.634  5.719   -6.154  1.00 0.43 ? 4  DG A "C4'"  1 
ATOM 99  O "O4'"  . DG A 1 4 ? -3.686  5.624   -5.074  1.00 0.38 ? 4  DG A "O4'"  1 
ATOM 100 C "C3'"  . DG A 1 4 ? -4.840  4.289   -6.671  1.00 0.38 ? 4  DG A "C3'"  1 
ATOM 101 O "O3'"  . DG A 1 4 ? -3.977  4.071   -7.799  1.00 0.36 ? 4  DG A "O3'"  1 
ATOM 102 C "C2'"  . DG A 1 4 ? -4.518  3.531   -5.425  1.00 0.36 ? 4  DG A "C2'"  1 
ATOM 103 C "C1'"  . DG A 1 4 ? -3.301  4.249   -4.963  1.00 0.32 ? 4  DG A "C1'"  1 
ATOM 104 N N9     . DG A 1 4 ? -2.953  3.889   -3.587  1.00 0.29 ? 4  DG A N9     1 
ATOM 105 C C8     . DG A 1 4 ? -3.774  3.634   -2.541  1.00 0.32 ? 4  DG A C8     1 
ATOM 106 N N7     . DG A 1 4 ? -3.198  3.353   -1.407  1.00 0.29 ? 4  DG A N7     1 
ATOM 107 C C5     . DG A 1 4 ? -1.844  3.430   -1.754  1.00 0.25 ? 4  DG A C5     1 
ATOM 108 C C6     . DG A 1 4 ? -0.684  3.190   -0.975  1.00 0.24 ? 4  DG A C6     1 
ATOM 109 O O6     . DG A 1 4 ? -0.602  2.900   0.215   1.00 0.25 ? 4  DG A O6     1 
ATOM 110 N N1     . DG A 1 4 ? 0.470   3.331   -1.728  1.00 0.23 ? 4  DG A N1     1 
ATOM 111 C C2     . DG A 1 4 ? 0.509   3.659   -3.060  1.00 0.23 ? 4  DG A C2     1 
ATOM 112 N N2     . DG A 1 4 ? 1.684   3.760   -3.648  1.00 0.24 ? 4  DG A N2     1 
ATOM 113 N N3     . DG A 1 4 ? -0.564  3.886   -3.795  1.00 0.24 ? 4  DG A N3     1 
ATOM 114 C C4     . DG A 1 4 ? -1.699  3.754   -3.081  1.00 0.26 ? 4  DG A C4     1 
ATOM 115 H "H5'"  . DG A 1 4 ? -5.706  7.389   -5.344  1.00 0.60 ? 4  DG A "H5'"  1 
ATOM 116 H "H5''" . DG A 1 4 ? -6.566  6.517   -6.630  1.00 0.59 ? 4  DG A "H5''" 1 
ATOM 117 H "H4'"  . DG A 1 4 ? -4.151  6.278   -6.953  1.00 0.46 ? 4  DG A "H4'"  1 
ATOM 118 H "H3'"  . DG A 1 4 ? -5.861  4.070   -6.919  1.00 0.42 ? 4  DG A "H3'"  1 
ATOM 119 H "H2'"  . DG A 1 4 ? -5.348  3.711   -4.748  1.00 0.41 ? 4  DG A "H2'"  1 
ATOM 120 H "H2''" . DG A 1 4 ? -4.354  2.461   -5.500  1.00 0.36 ? 4  DG A "H2''" 1 
ATOM 121 H "H1'"  . DG A 1 4 ? -2.544  4.006   -5.702  1.00 0.30 ? 4  DG A "H1'"  1 
ATOM 122 H H8     . DG A 1 4 ? -4.854  3.667   -2.697  1.00 0.36 ? 4  DG A H8     1 
ATOM 123 H H1     . DG A 1 4 ? 1.346   3.174   -1.246  1.00 0.24 ? 4  DG A H1     1 
ATOM 124 H H21    . DG A 1 4 ? 2.549   3.600   -3.134  1.00 0.56 ? 4  DG A H21    1 
ATOM 125 H H22    . DG A 1 4 ? 1.713   4.002   -4.627  1.00 0.60 ? 4  DG A H22    1 
ATOM 126 P P      . DA A 1 5 ? -3.683  2.646   -8.492  1.00 0.37 ? 5  DA A P      1 
ATOM 127 O OP1    . DA A 1 5 ? -3.796  2.814   -9.958  1.00 1.22 ? 5  DA A OP1    1 
ATOM 128 O OP2    . DA A 1 5 ? -4.482  1.601   -7.809  1.00 1.45 ? 5  DA A OP2    1 
ATOM 129 O "O5'"  . DA A 1 5 ? -2.136  2.405   -8.110  1.00 0.45 ? 5  DA A "O5'"  1 
ATOM 130 C "C5'"  . DA A 1 5 ? -1.030  3.120   -8.693  1.00 0.51 ? 5  DA A "C5'"  1 
ATOM 131 C "C4'"  . DA A 1 5 ? 0.314   2.498   -8.281  1.00 0.50 ? 5  DA A "C4'"  1 
ATOM 132 O "O4'"  . DA A 1 5 ? 0.499   2.546   -6.851  1.00 0.47 ? 5  DA A "O4'"  1 
ATOM 133 C "C3'"  . DA A 1 5 ? 0.412   1.023   -8.693  1.00 0.46 ? 5  DA A "C3'"  1 
ATOM 134 O "O3'"  . DA A 1 5 ? 1.746   0.683   -9.123  1.00 0.53 ? 5  DA A "O3'"  1 
ATOM 135 C "C2'"  . DA A 1 5 ? -0.019  0.385   -7.425  1.00 0.38 ? 5  DA A "C2'"  1 
ATOM 136 C "C1'"  . DA A 1 5 ? 0.674   1.200   -6.394  1.00 0.39 ? 5  DA A "C1'"  1 
ATOM 137 N N9     . DA A 1 5 ? 0.012   0.942   -5.115  1.00 0.34 ? 5  DA A N9     1 
ATOM 138 C C8     . DA A 1 5 ? -1.319  0.911   -4.870  1.00 0.33 ? 5  DA A C8     1 
ATOM 139 N N7     . DA A 1 5 ? -1.674  0.654   -3.642  1.00 0.31 ? 5  DA A N7     1 
ATOM 140 C C5     . DA A 1 5 ? -0.431  0.499   -3.013  1.00 0.31 ? 5  DA A C5     1 
ATOM 141 C C6     . DA A 1 5 ? -0.054  0.229   -1.686  1.00 0.33 ? 5  DA A C6     1 
ATOM 142 N N6     . DA A 1 5 ? -0.920  0.046   -0.692  1.00 0.37 ? 5  DA A N6     1 
ATOM 143 N N1     . DA A 1 5 ? 1.261   0.168   -1.420  1.00 0.35 ? 5  DA A N1     1 
ATOM 144 C C2     . DA A 1 5 ? 2.149   0.359   -2.397  1.00 0.33 ? 5  DA A C2     1 
ATOM 145 N N3     . DA A 1 5 ? 1.921   0.619   -3.669  1.00 0.32 ? 5  DA A N3     1 
ATOM 146 C C4     . DA A 1 5 ? 0.594   0.675   -3.910  1.00 0.32 ? 5  DA A C4     1 
ATOM 147 H "H5'"  . DA A 1 5 ? -1.052  4.159   -8.361  1.00 0.55 ? 5  DA A "H5'"  1 
ATOM 148 H "H5''" . DA A 1 5 ? -1.115  3.092   -9.781  1.00 0.55 ? 5  DA A "H5''" 1 
ATOM 149 H "H4'"  . DA A 1 5 ? 1.154   3.022   -8.730  1.00 0.56 ? 5  DA A "H4'"  1 
ATOM 150 H "H3'"  . DA A 1 5 ? -0.350  0.790   -9.425  1.00 0.47 ? 5  DA A "H3'"  1 
ATOM 151 H "H2'"  . DA A 1 5 ? -1.080  0.578   -7.364  1.00 0.37 ? 5  DA A "H2'"  1 
ATOM 152 H "H2''" . DA A 1 5 ? 0.133   -0.678  -7.291  1.00 0.36 ? 5  DA A "H2''" 1 
ATOM 153 H "H1'"  . DA A 1 5 ? 1.711   0.905   -6.454  1.00 0.42 ? 5  DA A "H1'"  1 
ATOM 154 H H8     . DA A 1 5 ? -1.983  1.098   -5.727  1.00 0.34 ? 5  DA A H8     1 
ATOM 155 H H61    . DA A 1 5 ? -0.575  -0.114  0.250   1.00 0.63 ? 5  DA A H61    1 
ATOM 156 H H62    . DA A 1 5 ? -1.911  0.071   -0.882  1.00 0.67 ? 5  DA A H62    1 
ATOM 157 H H2     . DA A 1 5 ? 3.200   0.295   -2.111  1.00 0.35 ? 5  DA A H2     1 
ATOM 158 P P      . DG A 1 6 ? 2.288   -0.819  -9.390  1.00 0.54 ? 6  DG A P      1 
ATOM 159 O OP1    . DG A 1 6 ? 3.144   -0.783  -10.596 1.00 1.34 ? 6  DG A OP1    1 
ATOM 160 O OP2    . DG A 1 6 ? 1.137   -1.750  -9.339  1.00 1.47 ? 6  DG A OP2    1 
ATOM 161 O "O5'"  . DG A 1 6 ? 3.221   -1.141  -8.113  1.00 0.55 ? 6  DG A "O5'"  1 
ATOM 162 C "C5'"  . DG A 1 6 ? 4.534   -0.585  -7.940  1.00 0.61 ? 6  DG A "C5'"  1 
ATOM 163 C "C4'"  . DG A 1 6 ? 5.290   -1.230  -6.772  1.00 0.58 ? 6  DG A "C4'"  1 
ATOM 164 O "O4'"  . DG A 1 6 ? 4.558   -1.063  -5.539  1.00 0.50 ? 6  DG A "O4'"  1 
ATOM 165 C "C3'"  . DG A 1 6 ? 5.551   -2.740  -6.935  1.00 0.56 ? 6  DG A "C3'"  1 
ATOM 166 O "O3'"  . DG A 1 6 ? 6.875   -3.106  -6.500  1.00 0.63 ? 6  DG A "O3'"  1 
ATOM 167 C "C2'"  . DG A 1 6 ? 4.472   -3.314  -6.101  1.00 0.44 ? 6  DG A "C2'"  1 
ATOM 168 C "C1'"  . DG A 1 6 ? 4.328   -2.356  -4.965  1.00 0.41 ? 6  DG A "C1'"  1 
ATOM 169 N N9     . DG A 1 6 ? 3.010   -2.451  -4.331  1.00 0.31 ? 6  DG A N9     1 
ATOM 170 C C8     . DG A 1 6 ? 1.779   -2.270  -4.853  1.00 0.29 ? 6  DG A C8     1 
ATOM 171 N N7     . DG A 1 6 ? 0.770   -2.424  -4.043  1.00 0.23 ? 6  DG A N7     1 
ATOM 172 C C5     . DG A 1 6 ? 1.421   -2.745  -2.847  1.00 0.22 ? 6  DG A C5     1 
ATOM 173 C C6     . DG A 1 6 ? 0.898   -3.032  -1.555  1.00 0.24 ? 6  DG A C6     1 
ATOM 174 O O6     . DG A 1 6 ? -0.268  -3.068  -1.167  1.00 0.28 ? 6  DG A O6     1 
ATOM 175 N N1     . DG A 1 6 ? 1.922   -3.292  -0.660  1.00 0.27 ? 6  DG A N1     1 
ATOM 176 C C2     . DG A 1 6 ? 3.263   -3.278  -0.957  1.00 0.26 ? 6  DG A C2     1 
ATOM 177 N N2     . DG A 1 6 ? 4.130   -3.543  -0.004  1.00 0.29 ? 6  DG A N2     1 
ATOM 178 N N3     . DG A 1 6 ? 3.755   -3.015  -2.146  1.00 0.26 ? 6  DG A N3     1 
ATOM 179 C C4     . DG A 1 6 ? 2.783   -2.759  -3.033  1.00 0.25 ? 6  DG A C4     1 
ATOM 180 H "H5'"  . DG A 1 6 ? 4.436   0.480   -7.730  1.00 0.64 ? 6  DG A "H5'"  1 
ATOM 181 H "H5''" . DG A 1 6 ? 5.115   -0.715  -8.854  1.00 0.68 ? 6  DG A "H5''" 1 
ATOM 182 H "H4'"  . DG A 1 6 ? 6.257   -0.735  -6.670  1.00 0.65 ? 6  DG A "H4'"  1 
ATOM 183 H "H3'"  . DG A 1 6 ? 5.328   -3.111  -7.932  1.00 0.59 ? 6  DG A "H3'"  1 
ATOM 184 H "H2'"  . DG A 1 6 ? 3.592   -3.284  -6.728  1.00 0.43 ? 6  DG A "H2'"  1 
ATOM 185 H "H2''" . DG A 1 6 ? 4.695   -4.325  -5.775  1.00 0.43 ? 6  DG A "H2''" 1 
ATOM 186 H "H1'"  . DG A 1 6 ? 5.074   -2.633  -4.245  1.00 0.42 ? 6  DG A "H1'"  1 
ATOM 187 H H8     . DG A 1 6 ? 1.705   -2.013  -5.901  1.00 0.35 ? 6  DG A H8     1 
ATOM 188 H H1     . DG A 1 6 ? 1.639   -3.506  0.287   1.00 0.32 ? 6  DG A H1     1 
ATOM 189 H H21    . DG A 1 6 ? 3.824   -3.754  0.947   1.00 0.56 ? 6  DG A H21    1 
ATOM 190 H H22    . DG A 1 6 ? 5.110   -3.530  -0.241  1.00 0.66 ? 6  DG A H22    1 
ATOM 191 P P      . DT A 1 7 ? 7.411   -4.632  -6.370  1.00 0.60 ? 7  DT A P      1 
ATOM 192 O OP1    . DT A 1 7 ? 8.870   -4.619  -6.610  1.00 1.45 ? 7  DT A OP1    1 
ATOM 193 O OP2    . DT A 1 7 ? 6.546   -5.507  -7.194  1.00 1.42 ? 7  DT A OP2    1 
ATOM 194 O "O5'"  . DT A 1 7 ? 7.151   -4.999  -4.813  1.00 0.50 ? 7  DT A "O5'"  1 
ATOM 195 C "C5'"  . DT A 1 7 ? 7.994   -4.501  -3.756  1.00 0.55 ? 7  DT A "C5'"  1 
ATOM 196 C "C4'"  . DT A 1 7 ? 7.749   -5.176  -2.396  1.00 0.44 ? 7  DT A "C4'"  1 
ATOM 197 O "O4'"  . DT A 1 7 ? 6.417   -4.942  -1.897  1.00 0.37 ? 7  DT A "O4'"  1 
ATOM 198 C "C3'"  . DT A 1 7 ? 7.975   -6.695  -2.390  1.00 0.40 ? 7  DT A "C3'"  1 
ATOM 199 O "O3'"  . DT A 1 7 ? 8.824   -7.101  -1.303  1.00 0.41 ? 7  DT A "O3'"  1 
ATOM 200 C "C2'"  . DT A 1 7 ? 6.570   -7.222  -2.302  1.00 0.32 ? 7  DT A "C2'"  1 
ATOM 201 C "C1'"  . DT A 1 7 ? 5.848   -6.191  -1.476  1.00 0.30 ? 7  DT A "C1'"  1 
ATOM 202 N N1     . DT A 1 7 ? 4.396   -6.187  -1.746  1.00 0.25 ? 7  DT A N1     1 
ATOM 203 C C2     . DT A 1 7 ? 3.503   -6.394  -0.715  1.00 0.24 ? 7  DT A C2     1 
ATOM 204 O O2     . DT A 1 7 ? 3.827   -6.592  0.450   1.00 0.28 ? 7  DT A O2     1 
ATOM 205 N N3     . DT A 1 7 ? 2.181   -6.364  -1.066  1.00 0.22 ? 7  DT A N3     1 
ATOM 206 C C4     . DT A 1 7 ? 1.667   -6.155  -2.323  1.00 0.20 ? 7  DT A C4     1 
ATOM 207 O O4     . DT A 1 7 ? 0.449   -6.162  -2.480  1.00 0.21 ? 7  DT A O4     1 
ATOM 208 C C5     . DT A 1 7 ? 2.667   -5.948  -3.349  1.00 0.23 ? 7  DT A C5     1 
ATOM 209 C C7     . DT A 1 7 ? 2.254   -5.695  -4.814  1.00 0.29 ? 7  DT A C7     1 
ATOM 210 C C6     . DT A 1 7 ? 3.972   -5.973  -3.019  1.00 0.26 ? 7  DT A C6     1 
ATOM 211 H "H5'"  . DT A 1 7 ? 7.809   -3.432  -3.638  1.00 0.85 ? 7  DT A "H5'"  1 
ATOM 212 H "H5''" . DT A 1 7 ? 9.040   -4.649  -4.029  1.00 0.74 ? 7  DT A "H5''" 1 
ATOM 213 H "H4'"  . DT A 1 7 ? 8.452   -4.752  -1.678  1.00 0.51 ? 7  DT A "H4'"  1 
ATOM 214 H "H3'"  . DT A 1 7 ? 8.416   -7.033  -3.317  1.00 0.44 ? 7  DT A "H3'"  1 
ATOM 215 H "H2'"  . DT A 1 7 ? 6.161   -7.393  -3.288  1.00 0.33 ? 7  DT A "H2'"  1 
ATOM 216 H "H2''" . DT A 1 7 ? 6.506   -8.178  -1.832  1.00 0.31 ? 7  DT A "H2''" 1 
ATOM 217 H "H1'"  . DT A 1 7 ? 6.090   -6.425  -0.451  1.00 0.31 ? 7  DT A "H1'"  1 
ATOM 218 H H3     . DT A 1 7 ? 1.526   -6.510  -0.312  1.00 0.26 ? 7  DT A H3     1 
ATOM 219 H H71    . DT A 1 7 ? 2.695   -6.441  -5.474  1.00 1.03 ? 7  DT A H71    1 
ATOM 220 H H72    . DT A 1 7 ? 2.606   -4.720  -5.139  1.00 1.01 ? 7  DT A H72    1 
ATOM 221 H H73    . DT A 1 7 ? 1.170   -5.708  -4.922  1.00 1.11 ? 7  DT A H73    1 
ATOM 222 H H6     . DT A 1 7 ? 4.774   -5.824  -3.734  1.00 0.32 ? 7  DT A H6     1 
ATOM 223 P P      . DA A 1 8 ? 9.013   -8.642  -0.846  1.00 0.43 ? 8  DA A P      1 
ATOM 224 O OP1    . DA A 1 8 ? 10.214  -8.726  0.016   1.00 1.29 ? 8  DA A OP1    1 
ATOM 225 O OP2    . DA A 1 8 ? 8.878   -9.522  -2.029  1.00 1.44 ? 8  DA A OP2    1 
ATOM 226 O "O5'"  . DA A 1 8 ? 7.706   -8.850  0.082   1.00 0.37 ? 8  DA A "O5'"  1 
ATOM 227 C "C5'"  . DA A 1 8 ? 7.680   -8.435  1.459   1.00 0.37 ? 8  DA A "C5'"  1 
ATOM 228 C "C4'"  . DA A 1 8 ? 6.611   -9.171  2.267   1.00 0.33 ? 8  DA A "C4'"  1 
ATOM 229 O "O4'"  . DA A 1 8 ? 5.262   -8.808  1.945   1.00 0.31 ? 8  DA A "O4'"  1 
ATOM 230 C "C3'"  . DA A 1 8 ? 6.756   -10.683 2.125   1.00 0.34 ? 8  DA A "C3'"  1 
ATOM 231 O "O3'"  . DA A 1 8 ? 7.132   -11.276 3.378   1.00 0.37 ? 8  DA A "O3'"  1 
ATOM 232 C "C2'"  . DA A 1 8 ? 5.431   -11.085 1.572   1.00 0.32 ? 8  DA A "C2'"  1 
ATOM 233 C "C1'"  . DA A 1 8 ? 4.451   -9.987  1.911   1.00 0.28 ? 8  DA A "C1'"  1 
ATOM 234 N N9     . DA A 1 8 ? 3.546   -9.739  0.785   1.00 0.25 ? 8  DA A N9     1 
ATOM 235 C C8     . DA A 1 8 ? 3.893   -9.549  -0.510  1.00 0.27 ? 8  DA A C8     1 
ATOM 236 N N7     . DA A 1 8 ? 2.919   -9.340  -1.343  1.00 0.27 ? 8  DA A N7     1 
ATOM 237 C C5     . DA A 1 8 ? 1.805   -9.398  -0.498  1.00 0.24 ? 8  DA A C5     1 
ATOM 238 C C6     . DA A 1 8 ? 0.431   -9.284  -0.737  1.00 0.25 ? 8  DA A C6     1 
ATOM 239 N N6     . DA A 1 8 ? -0.067  -9.046  -1.943  1.00 0.26 ? 8  DA A N6     1 
ATOM 240 N N1     . DA A 1 8 ? -0.403  -9.419  0.307   1.00 0.28 ? 8  DA A N1     1 
ATOM 241 C C2     . DA A 1 8 ? 0.100   -9.652  1.518   1.00 0.31 ? 8  DA A C2     1 
ATOM 242 N N3     . DA A 1 8 ? 1.370   -9.780  1.870   1.00 0.30 ? 8  DA A N3     1 
ATOM 243 C C4     . DA A 1 8 ? 2.180   -9.639  0.797   1.00 0.25 ? 8  DA A C4     1 
ATOM 244 H "H5'"  . DA A 1 8 ? 7.494   -7.363  1.525   1.00 0.38 ? 8  DA A "H5'"  1 
ATOM 245 H "H5''" . DA A 1 8 ? 8.651   -8.654  1.909   1.00 0.40 ? 8  DA A "H5''" 1 
ATOM 246 H "H4'"  . DA A 1 8 ? 6.745   -8.943  3.316   1.00 0.34 ? 8  DA A "H4'"  1 
ATOM 247 H "H3'"  . DA A 1 8 ? 7.413   -10.966 1.307   1.00 0.38 ? 8  DA A "H3'"  1 
ATOM 248 H "H2'"  . DA A 1 8 ? 5.564   -11.189 0.495   1.00 0.34 ? 8  DA A "H2'"  1 
ATOM 249 H "H2''" . DA A 1 8 ? 5.133   -12.026 1.994   1.00 0.36 ? 8  DA A "H2''" 1 
ATOM 250 H "H1'"  . DA A 1 8 ? 3.913   -10.271 2.816   1.00 0.32 ? 8  DA A "H1'"  1 
ATOM 251 H H8     . DA A 1 8 ? 4.959   -9.579  -0.760  1.00 0.30 ? 8  DA A H8     1 
ATOM 252 H H61    . DA A 1 8 ? -1.070  -8.982  -2.080  1.00 0.67 ? 8  DA A H61    1 
ATOM 253 H H62    . DA A 1 8 ? 0.557   -8.927  -2.728  1.00 0.70 ? 8  DA A H62    1 
ATOM 254 H H2     . DA A 1 8 ? -0.628  -9.752  2.325   1.00 0.37 ? 8  DA A H2     1 
ATOM 255 P P      . DC A 1 9 ? 7.073   -12.853 3.719   1.00 0.44 ? 9  DC A P      1 
ATOM 256 O OP1    . DC A 1 9 ? 7.709   -13.066 5.038   1.00 1.46 ? 9  DC A OP1    1 
ATOM 257 O OP2    . DC A 1 9 ? 7.530   -13.623 2.539   1.00 1.27 ? 9  DC A OP2    1 
ATOM 258 O "O5'"  . DC A 1 9 ? 5.477   -13.056 3.873   1.00 0.47 ? 9  DC A "O5'"  1 
ATOM 259 C "C5'"  . DC A 1 9 ? 4.760   -12.406 4.937   1.00 0.51 ? 9  DC A "C5'"  1 
ATOM 260 C "C4'"  . DC A 1 9 ? 3.248   -12.594 4.842   1.00 0.58 ? 9  DC A "C4'"  1 
ATOM 261 O "O4'"  . DC A 1 9 ? 2.681   -11.985 3.658   1.00 0.49 ? 9  DC A "O4'"  1 
ATOM 262 C "C3'"  . DC A 1 9 ? 2.839   -14.078 4.837   1.00 0.70 ? 9  DC A "C3'"  1 
ATOM 263 O "O3'"  . DC A 1 9 ? 1.625   -14.260 5.573   1.00 0.82 ? 9  DC A "O3'"  1 
ATOM 264 C "C2'"  . DC A 1 9 ? 2.508   -14.222 3.382   1.00 0.65 ? 9  DC A "C2'"  1 
ATOM 265 C "C1'"  . DC A 1 9 ? 1.757   -12.940 3.121   1.00 0.55 ? 9  DC A "C1'"  1 
ATOM 266 N N1     . DC A 1 9 ? 1.486   -12.776 1.681   1.00 0.49 ? 9  DC A N1     1 
ATOM 267 C C2     . DC A 1 9 ? 0.170   -12.697 1.255   1.00 0.51 ? 9  DC A C2     1 
ATOM 268 O O2     . DC A 1 9 ? -0.766  -12.755 2.049   1.00 0.59 ? 9  DC A O2     1 
ATOM 269 N N3     . DC A 1 9 ? -0.068  -12.550 -0.073  1.00 0.48 ? 9  DC A N3     1 
ATOM 270 C C4     . DC A 1 9 ? 0.940   -12.483 -0.947  1.00 0.46 ? 9  DC A C4     1 
ATOM 271 N N4     . DC A 1 9 ? 0.638   -12.337 -2.231  1.00 0.50 ? 9  DC A N4     1 
ATOM 272 C C5     . DC A 1 9 ? 2.306   -12.564 -0.520  1.00 0.45 ? 9  DC A C5     1 
ATOM 273 C C6     . DC A 1 9 ? 2.522   -12.710 0.803   1.00 0.45 ? 9  DC A C6     1 
ATOM 274 H "H5'"  . DC A 1 9 ? 4.975   -11.337 4.926   1.00 0.47 ? 9  DC A "H5'"  1 
ATOM 275 H "H5''" . DC A 1 9 ? 5.100   -12.819 5.887   1.00 0.59 ? 9  DC A "H5''" 1 
ATOM 276 H "H4'"  . DC A 1 9 ? 2.746   -12.129 5.684   1.00 0.65 ? 9  DC A "H4'"  1 
ATOM 277 H "H3'"  . DC A 1 9 ? 3.620   -14.745 5.205   1.00 0.76 ? 9  DC A "H3'"  1 
ATOM 278 H "HO3'" . DC A 1 9 ? 1.757   -13.872 6.441   1.00 1.07 ? 9  DC A "HO3'" 1 
ATOM 279 H "H2'"  . DC A 1 9 ? 3.413   -14.202 2.766   1.00 0.61 ? 9  DC A "H2'"  1 
ATOM 280 H "H2''" . DC A 1 9 ? 1.897   -15.099 3.166   1.00 0.75 ? 9  DC A "H2''" 1 
ATOM 281 H "H1'"  . DC A 1 9 ? 0.848   -12.908 3.722   1.00 0.62 ? 9  DC A "H1'"  1 
ATOM 282 H H41    . DC A 1 9 ? -0.338  -12.234 -2.508  1.00 0.50 ? 9  DC A H41    1 
ATOM 283 H H42    . DC A 1 9 ? 1.367   -12.324 -2.927  1.00 0.55 ? 9  DC A H42    1 
ATOM 284 H H5     . DC A 1 9 ? 3.136   -12.506 -1.225  1.00 0.49 ? 9  DC A H5     1 
ATOM 285 H H6     . DC A 1 9 ? 3.525   -12.777 1.225   1.00 0.44 ? 9  DC A H6     1 
ATOM 286 O "O5'"  . DG B 2 1 ? -8.472  -11.140 -4.065  1.00 1.50 ? 10 DG B "O5'"  1 
ATOM 287 C "C5'"  . DG B 2 1 ? -9.545  -11.795 -3.371  1.00 0.71 ? 10 DG B "C5'"  1 
ATOM 288 C "C4'"  . DG B 2 1 ? -9.538  -11.539 -1.853  1.00 0.57 ? 10 DG B "C4'"  1 
ATOM 289 O "O4'"  . DG B 2 1 ? -8.299  -11.961 -1.256  1.00 0.49 ? 10 DG B "O4'"  1 
ATOM 290 C "C3'"  . DG B 2 1 ? -9.709  -10.074 -1.452  1.00 0.55 ? 10 DG B "C3'"  1 
ATOM 291 O "O3'"  . DG B 2 1 ? -10.326 -9.961  -0.154  1.00 0.58 ? 10 DG B "O3'"  1 
ATOM 292 C "C2'"  . DG B 2 1 ? -8.287  -9.615  -1.510  1.00 0.50 ? 10 DG B "C2'"  1 
ATOM 293 C "C1'"  . DG B 2 1 ? -7.486  -10.799 -1.008  1.00 0.45 ? 10 DG B "C1'"  1 
ATOM 294 N N9     . DG B 2 1 ? -6.210  -10.972 -1.717  1.00 0.42 ? 10 DG B N9     1 
ATOM 295 C C8     . DG B 2 1 ? -5.939  -10.813 -3.036  1.00 0.45 ? 10 DG B C8     1 
ATOM 296 N N7     . DG B 2 1 ? -4.717  -11.041 -3.410  1.00 0.44 ? 10 DG B N7     1 
ATOM 297 C C5     . DG B 2 1 ? -4.109  -11.390 -2.202  1.00 0.40 ? 10 DG B C5     1 
ATOM 298 C C6     . DG B 2 1 ? -2.762  -11.743 -1.926  1.00 0.42 ? 10 DG B C6     1 
ATOM 299 O O6     . DG B 2 1 ? -1.811  -11.836 -2.697  1.00 0.45 ? 10 DG B O6     1 
ATOM 300 N N1     . DG B 2 1 ? -2.566  -12.004 -0.587  1.00 0.43 ? 10 DG B N1     1 
ATOM 301 C C2     . DG B 2 1 ? -3.537  -11.936 0.379   1.00 0.43 ? 10 DG B C2     1 
ATOM 302 N N2     . DG B 2 1 ? -3.181  -12.209 1.618   1.00 0.49 ? 10 DG B N2     1 
ATOM 303 N N3     . DG B 2 1 ? -4.801  -11.607 0.140   1.00 0.41 ? 10 DG B N3     1 
ATOM 304 C C4     . DG B 2 1 ? -5.015  -11.349 -1.169  1.00 0.39 ? 10 DG B C4     1 
ATOM 305 H "H5'"  . DG B 2 1 ? -9.492  -12.873 -3.540  1.00 0.76 ? 10 DG B "H5'"  1 
ATOM 306 H "H5''" . DG B 2 1 ? -10.479 -11.423 -3.785  1.00 0.95 ? 10 DG B "H5''" 1 
ATOM 307 H "H4'"  . DG B 2 1 ? -10.338 -12.120 -1.397  1.00 0.65 ? 10 DG B "H4'"  1 
ATOM 308 H "H3'"  . DG B 2 1 ? -10.287 -9.539  -2.203  1.00 0.59 ? 10 DG B "H3'"  1 
ATOM 309 H "H2'"  . DG B 2 1 ? -8.107  -9.440  -2.562  1.00 0.52 ? 10 DG B "H2'"  1 
ATOM 310 H "H2''" . DG B 2 1 ? -8.080  -8.702  -0.961  1.00 0.50 ? 10 DG B "H2''" 1 
ATOM 311 H "H1'"  . DG B 2 1 ? -7.301  -10.632 0.042   1.00 0.46 ? 10 DG B "H1'"  1 
ATOM 312 H H8     . DG B 2 1 ? -6.739  -10.509 -3.714  1.00 0.51 ? 10 DG B H8     1 
ATOM 313 H H1     . DG B 2 1 ? -1.622  -12.264 -0.337  1.00 0.46 ? 10 DG B H1     1 
ATOM 314 H H21    . DG B 2 1 ? -2.220  -12.462 1.845   1.00 0.80 ? 10 DG B H21    1 
ATOM 315 H H22    . DG B 2 1 ? -3.883  -12.159 2.339   1.00 0.83 ? 10 DG B H22    1 
ATOM 316 H "HO5'" . DG B 2 1 ? -8.529  -11.394 -4.990  1.00 1.83 ? 10 DG B "HO5'" 1 
ATOM 317 P P      . DT B 2 2 ? -10.437 -8.588  0.697   1.00 0.62 ? 11 DT B P      1 
ATOM 318 O OP1    . DT B 2 2 ? -11.609 -8.704  1.592   1.00 1.54 ? 11 DT B OP1    1 
ATOM 319 O OP2    . DT B 2 2 ? -10.349 -7.450  -0.247  1.00 1.34 ? 11 DT B OP2    1 
ATOM 320 O "O5'"  . DT B 2 2 ? -9.094  -8.563  1.612   1.00 0.57 ? 11 DT B "O5'"  1 
ATOM 321 C "C5'"  . DT B 2 2 ? -8.999  -9.213  2.897   1.00 0.56 ? 11 DT B "C5'"  1 
ATOM 322 C "C4'"  . DT B 2 2 ? -7.653  -8.985  3.618   1.00 0.51 ? 11 DT B "C4'"  1 
ATOM 323 O "O4'"  . DT B 2 2 ? -6.546  -9.517  2.848   1.00 0.45 ? 11 DT B "O4'"  1 
ATOM 324 C "C3'"  . DT B 2 2 ? -7.320  -7.501  3.902   1.00 0.50 ? 11 DT B "C3'"  1 
ATOM 325 O "O3'"  . DT B 2 2 ? -6.621  -7.317  5.146   1.00 0.50 ? 11 DT B "O3'"  1 
ATOM 326 C "C2'"  . DT B 2 2 ? -6.480  -7.232  2.714   1.00 0.44 ? 11 DT B "C2'"  1 
ATOM 327 C "C1'"  . DT B 2 2 ? -5.607  -8.450  2.652   1.00 0.41 ? 11 DT B "C1'"  1 
ATOM 328 N N1     . DT B 2 2 ? -4.845  -8.483  1.390   1.00 0.37 ? 11 DT B N1     1 
ATOM 329 C C2     . DT B 2 2 ? -3.546  -8.947  1.396   1.00 0.35 ? 11 DT B C2     1 
ATOM 330 O O2     . DT B 2 2 ? -2.969  -9.365  2.395   1.00 0.39 ? 11 DT B O2     1 
ATOM 331 N N3     . DT B 2 2 ? -2.900  -8.920  0.186   1.00 0.33 ? 11 DT B N3     1 
ATOM 332 C C4     . DT B 2 2 ? -3.412  -8.481  -1.009  1.00 0.32 ? 11 DT B C4     1 
ATOM 333 O O4     . DT B 2 2 ? -2.709  -8.513  -2.015  1.00 0.31 ? 11 DT B O4     1 
ATOM 334 C C5     . DT B 2 2 ? -4.776  -8.018  -0.915  1.00 0.36 ? 11 DT B C5     1 
ATOM 335 C C7     . DT B 2 2 ? -5.535  -7.478  -2.109  1.00 0.42 ? 11 DT B C7     1 
ATOM 336 C C6     . DT B 2 2 ? -5.423  -8.036  0.244   1.00 0.38 ? 11 DT B C6     1 
ATOM 337 H "H5'"  . DT B 2 2 ? -9.128  -10.287 2.759   1.00 0.58 ? 11 DT B "H5'"  1 
ATOM 338 H "H5''" . DT B 2 2 ? -9.800  -8.845  3.540   1.00 0.61 ? 11 DT B "H5''" 1 
ATOM 339 H "H4'"  . DT B 2 2 ? -7.678  -9.506  4.575   1.00 0.53 ? 11 DT B "H4'"  1 
ATOM 340 H "H3'"  . DT B 2 2 ? -8.157  -6.830  3.819   1.00 0.53 ? 11 DT B "H3'"  1 
ATOM 341 H "H2'"  . DT B 2 2 ? -7.198  -7.183  1.916   1.00 0.45 ? 11 DT B "H2'"  1 
ATOM 342 H "H2''" . DT B 2 2 ? -5.921  -6.319  2.600   1.00 0.43 ? 11 DT B "H2''" 1 
ATOM 343 H "H1'"  . DT B 2 2 ? -4.957  -8.353  3.518   1.00 0.40 ? 11 DT B "H1'"  1 
ATOM 344 H H3     . DT B 2 2 ? -1.946  -9.254  0.176   1.00 0.34 ? 11 DT B H3     1 
ATOM 345 H H71    . DT B 2 2 ? -4.900  -7.473  -2.989  1.00 1.13 ? 11 DT B H71    1 
ATOM 346 H H72    . DT B 2 2 ? -5.865  -6.469  -1.858  1.00 1.01 ? 11 DT B H72    1 
ATOM 347 H H73    . DT B 2 2 ? -6.413  -8.101  -2.265  1.00 1.19 ? 11 DT B H73    1 
ATOM 348 H H6     . DT B 2 2 ? -6.453  -7.679  0.262   1.00 0.43 ? 11 DT B H6     1 
ATOM 349 P P      . DA B 2 3 ? -6.575  -5.905  5.926   1.00 0.50 ? 12 DA B P      1 
ATOM 350 O OP1    . DA B 2 3 ? -7.463  -5.997  7.108   1.00 1.37 ? 12 DA B OP1    1 
ATOM 351 O OP2    . DA B 2 3 ? -6.761  -4.814  4.940   1.00 1.41 ? 12 DA B OP2    1 
ATOM 352 O "O5'"  . DA B 2 3 ? -5.048  -5.843  6.428   1.00 0.46 ? 12 DA B "O5'"  1 
ATOM 353 C "C5'"  . DA B 2 3 ? -4.480  -6.703  7.430   1.00 0.47 ? 12 DA B "C5'"  1 
ATOM 354 C "C4'"  . DA B 2 3 ? -2.953  -6.689  7.337   1.00 0.43 ? 12 DA B "C4'"  1 
ATOM 355 O "O4'"  . DA B 2 3 ? -2.519  -7.180  6.056   1.00 0.38 ? 12 DA B "O4'"  1 
ATOM 356 C "C3'"  . DA B 2 3 ? -2.375  -5.278  7.485   1.00 0.45 ? 12 DA B "C3'"  1 
ATOM 357 O "O3'"  . DA B 2 3 ? -1.198  -5.238  8.301   1.00 0.49 ? 12 DA B "O3'"  1 
ATOM 358 C "C2'"  . DA B 2 3 ? -2.197  -4.896  6.064   1.00 0.40 ? 12 DA B "C2'"  1 
ATOM 359 C "C1'"  . DA B 2 3 ? -1.727  -6.165  5.438   1.00 0.35 ? 12 DA B "C1'"  1 
ATOM 360 N N9     . DA B 2 3 ? -1.961  -6.150  3.989   1.00 0.32 ? 12 DA B N9     1 
ATOM 361 C C8     . DA B 2 3 ? -3.101  -5.887  3.297   1.00 0.34 ? 12 DA B C8     1 
ATOM 362 N N7     . DA B 2 3 ? -3.005  -5.947  1.998   1.00 0.33 ? 12 DA B N7     1 
ATOM 363 C C5     . DA B 2 3 ? -1.658  -6.285  1.822   1.00 0.30 ? 12 DA B C5     1 
ATOM 364 C C6     . DA B 2 3 ? -0.832  -6.364  0.688   1.00 0.29 ? 12 DA B C6     1 
ATOM 365 N N6     . DA B 2 3 ? -1.289  -6.271  -0.557  1.00 0.31 ? 12 DA B N6     1 
ATOM 366 N N1     . DA B 2 3 ? 0.486   -6.550  0.889   1.00 0.27 ? 12 DA B N1     1 
ATOM 367 C C2     . DA B 2 3 ? 0.950   -6.650  2.138   1.00 0.26 ? 12 DA B C2     1 
ATOM 368 N N3     . DA B 2 3 ? 0.280   -6.593  3.267   1.00 0.28 ? 12 DA B N3     1 
ATOM 369 C C4     . DA B 2 3 ? -1.030  -6.406  3.034   1.00 0.29 ? 12 DA B C4     1 
ATOM 370 H "H5'"  . DA B 2 3 ? -4.830  -7.727  7.293   1.00 0.48 ? 12 DA B "H5'"  1 
ATOM 371 H "H5''" . DA B 2 3 ? -4.780  -6.350  8.416   1.00 0.51 ? 12 DA B "H5''" 1 
ATOM 372 H "H4'"  . DA B 2 3 ? -2.499  -7.322  8.094   1.00 0.46 ? 12 DA B "H4'"  1 
ATOM 373 H "H3'"  . DA B 2 3 ? -3.082  -4.570  7.862   1.00 0.49 ? 12 DA B "H3'"  1 
ATOM 374 H "H2'"  . DA B 2 3 ? -3.171  -4.679  5.654   1.00 0.42 ? 12 DA B "H2'"  1 
ATOM 375 H "H2''" . DA B 2 3 ? -1.577  -4.019  5.932   1.00 0.40 ? 12 DA B "H2''" 1 
ATOM 376 H "H1'"  . DA B 2 3 ? -0.691  -6.263  5.727   1.00 0.35 ? 12 DA B "H1'"  1 
ATOM 377 H H8     . DA B 2 3 ? -4.023  -5.638  3.832   1.00 0.38 ? 12 DA B H8     1 
ATOM 378 H H61    . DA B 2 3 ? -0.645  -6.327  -1.340  1.00 0.49 ? 12 DA B H61    1 
ATOM 379 H H62    . DA B 2 3 ? -2.274  -6.140  -0.730  1.00 0.51 ? 12 DA B H62    1 
ATOM 380 H H2     . DA B 2 3 ? 2.015   -6.791  2.314   1.00 0.26 ? 12 DA B H2     1 
ATOM 381 P P      . DC B 2 4 ? -0.327  -3.903  8.555   1.00 0.59 ? 13 DC B P      1 
ATOM 382 O OP1    . DC B 2 4 ? 0.086   -3.871  9.975   1.00 1.40 ? 13 DC B OP1    1 
ATOM 383 O OP2    . DC B 2 4 ? -1.031  -2.742  7.963   1.00 1.52 ? 13 DC B OP2    1 
ATOM 384 O "O5'"  . DC B 2 4 ? 0.969   -4.205  7.653   1.00 0.47 ? 13 DC B "O5'"  1 
ATOM 385 C "C5'"  . DC B 2 4 ? 1.868   -5.285  7.963   1.00 0.43 ? 13 DC B "C5'"  1 
ATOM 386 C "C4'"  . DC B 2 4 ? 3.046   -5.345  6.992   1.00 0.36 ? 13 DC B "C4'"  1 
ATOM 387 O "O4'"  . DC B 2 4 ? 2.581   -5.564  5.642   1.00 0.34 ? 13 DC B "O4'"  1 
ATOM 388 C "C3'"  . DC B 2 4 ? 3.869   -4.047  6.990   1.00 0.36 ? 13 DC B "C3'"  1 
ATOM 389 O "O3'"  . DC B 2 4 ? 5.286   -4.265  6.927   1.00 0.38 ? 13 DC B "O3'"  1 
ATOM 390 C "C2'"  . DC B 2 4 ? 3.267   -3.345  5.830   1.00 0.32 ? 13 DC B "C2'"  1 
ATOM 391 C "C1'"  . DC B 2 4 ? 2.934   -4.430  4.842   1.00 0.29 ? 13 DC B "C1'"  1 
ATOM 392 N N1     . DC B 2 4 ? 1.838   -4.034  3.938   1.00 0.29 ? 13 DC B N1     1 
ATOM 393 C C2     . DC B 2 4 ? 2.131   -3.898  2.598   1.00 0.28 ? 13 DC B C2     1 
ATOM 394 O O2     . DC B 2 4 ? 3.265   -4.102  2.184   1.00 0.29 ? 13 DC B O2     1 
ATOM 395 N N3     . DC B 2 4 ? 1.143   -3.535  1.742   1.00 0.28 ? 13 DC B N3     1 
ATOM 396 C C4     . DC B 2 4 ? -0.096  -3.312  2.191   1.00 0.29 ? 13 DC B C4     1 
ATOM 397 N N4     . DC B 2 4 ? -1.027  -2.957  1.310   1.00 0.30 ? 13 DC B N4     1 
ATOM 398 C C5     . DC B 2 4 ? -0.420  -3.449  3.580   1.00 0.30 ? 13 DC B C5     1 
ATOM 399 C C6     . DC B 2 4 ? 0.583   -3.813  4.412   1.00 0.30 ? 13 DC B C6     1 
ATOM 400 H "H5'"  . DC B 2 4 ? 1.329   -6.231  7.904   1.00 0.46 ? 13 DC B "H5'"  1 
ATOM 401 H "H5''" . DC B 2 4 ? 2.252   -5.159  8.976   1.00 0.48 ? 13 DC B "H5''" 1 
ATOM 402 H "H4'"  . DC B 2 4 ? 3.699   -6.170  7.278   1.00 0.39 ? 13 DC B "H4'"  1 
ATOM 403 H "H3'"  . DC B 2 4 ? 3.638   -3.394  7.825   1.00 0.41 ? 13 DC B "H3'"  1 
ATOM 404 H "H2'"  . DC B 2 4 ? 2.382   -2.902  6.275   1.00 0.35 ? 13 DC B "H2'"  1 
ATOM 405 H "H2''" . DC B 2 4 ? 3.888   -2.579  5.391   1.00 0.31 ? 13 DC B "H2''" 1 
ATOM 406 H "H1'"  . DC B 2 4 ? 3.812   -4.619  4.240   1.00 0.28 ? 13 DC B "H1'"  1 
ATOM 407 H H41    . DC B 2 4 ? -0.792  -2.916  0.320   1.00 0.30 ? 13 DC B H41    1 
ATOM 408 H H42    . DC B 2 4 ? -1.962  -2.731  1.614   1.00 0.32 ? 13 DC B H42    1 
ATOM 409 H H5     . DC B 2 4 ? -1.437  -3.268  3.936   1.00 0.32 ? 13 DC B H5     1 
ATOM 410 H H6     . DC B 2 4 ? 0.439   -3.944  5.487   1.00 0.31 ? 13 DC B H6     1 
ATOM 411 P P      . DT B 2 5 ? 6.346   -3.059  7.115   1.00 0.41 ? 14 DT B P      1 
ATOM 412 O OP1    . DT B 2 5 ? 7.672   -3.656  7.399   1.00 1.48 ? 14 DT B OP1    1 
ATOM 413 O OP2    . DT B 2 5 ? 5.771   -2.057  8.041   1.00 1.24 ? 14 DT B OP2    1 
ATOM 414 O "O5'"  . DT B 2 5 ? 6.373   -2.426  5.623   1.00 0.34 ? 14 DT B "O5'"  1 
ATOM 415 C "C5'"  . DT B 2 5 ? 7.009   -3.171  4.574   1.00 0.31 ? 14 DT B "C5'"  1 
ATOM 416 C "C4'"  . DT B 2 5 ? 7.237   -2.417  3.270   1.00 0.29 ? 14 DT B "C4'"  1 
ATOM 417 O "O4'"  . DT B 2 5 ? 6.042   -2.354  2.485   1.00 0.29 ? 14 DT B "O4'"  1 
ATOM 418 C "C3'"  . DT B 2 5 ? 7.773   -0.995  3.462   1.00 0.29 ? 14 DT B "C3'"  1 
ATOM 419 O "O3'"  . DT B 2 5 ? 8.842   -0.673  2.548   1.00 0.34 ? 14 DT B "O3'"  1 
ATOM 420 C "C2'"  . DT B 2 5 ? 6.497   -0.230  3.253   1.00 0.28 ? 14 DT B "C2'"  1 
ATOM 421 C "C1'"  . DT B 2 5 ? 5.823   -0.997  2.131   1.00 0.28 ? 14 DT B "C1'"  1 
ATOM 422 N N1     . DT B 2 5 ? 4.360   -0.820  2.046   1.00 0.29 ? 14 DT B N1     1 
ATOM 423 C C2     . DT B 2 5 ? 3.799   -0.604  0.800   1.00 0.30 ? 14 DT B C2     1 
ATOM 424 O O2     . DT B 2 5 ? 4.441   -0.542  -0.241  1.00 0.30 ? 14 DT B O2     1 
ATOM 425 N N3     . DT B 2 5 ? 2.441   -0.438  0.769   1.00 0.32 ? 14 DT B N3     1 
ATOM 426 C C4     . DT B 2 5 ? 1.590   -0.460  1.838   1.00 0.33 ? 14 DT B C4     1 
ATOM 427 O O4     . DT B 2 5 ? 0.385   -0.294  1.658   1.00 0.36 ? 14 DT B O4     1 
ATOM 428 C C5     . DT B 2 5 ? 2.246   -0.687  3.107   1.00 0.32 ? 14 DT B C5     1 
ATOM 429 C C7     . DT B 2 5 ? 1.396   -0.684  4.371   1.00 0.35 ? 14 DT B C7     1 
ATOM 430 C C6     . DT B 2 5 ? 3.586   -0.863  3.178   1.00 0.30 ? 14 DT B C6     1 
ATOM 431 H "H5'"  . DT B 2 5 ? 6.305   -3.954  4.304   1.00 0.31 ? 14 DT B "H5'"  1 
ATOM 432 H "H5''" . DT B 2 5 ? 7.959   -3.567  4.934   1.00 0.33 ? 14 DT B "H5''" 1 
ATOM 433 H "H4'"  . DT B 2 5 ? 7.984   -2.960  2.692   1.00 0.30 ? 14 DT B "H4'"  1 
ATOM 434 H "H3'"  . DT B 2 5 ? 8.083   -0.858  4.487   1.00 0.31 ? 14 DT B "H3'"  1 
ATOM 435 H "H2'"  . DT B 2 5 ? 5.918   -0.310  4.175   1.00 0.29 ? 14 DT B "H2'"  1 
ATOM 436 H "H2''" . DT B 2 5 ? 6.666   0.815   3.027   1.00 0.30 ? 14 DT B "H2''" 1 
ATOM 437 H "H1'"  . DT B 2 5 ? 6.366   -0.746  1.222   1.00 0.29 ? 14 DT B "H1'"  1 
ATOM 438 H H3     . DT B 2 5 ? 2.023   -0.284  -0.137  1.00 0.34 ? 14 DT B H3     1 
ATOM 439 H H71    . DT B 2 5 ? 0.343   -0.606  4.098   1.00 1.05 ? 14 DT B H71    1 
ATOM 440 H H72    . DT B 2 5 ? 1.674   0.184   4.969   1.00 1.09 ? 14 DT B H72    1 
ATOM 441 H H73    . DT B 2 5 ? 1.562   -1.588  4.943   1.00 1.10 ? 14 DT B H73    1 
ATOM 442 H H6     . DT B 2 5 ? 4.098   -1.075  4.133   1.00 0.30 ? 14 DT B H6     1 
ATOM 443 P P      . DC B 2 6 ? 9.490   0.805   2.345   1.00 0.41 ? 15 DC B P      1 
ATOM 444 O OP1    . DC B 2 6 ? 10.935  0.636   2.077   1.00 1.46 ? 15 DC B OP1    1 
ATOM 445 O OP2    . DC B 2 6 ? 9.051   1.677   3.460   1.00 1.27 ? 15 DC B OP2    1 
ATOM 446 O "O5'"  . DC B 2 6 ? 8.774   1.326   0.994   1.00 0.35 ? 15 DC B "O5'"  1 
ATOM 447 C "C5'"  . DC B 2 6 ? 9.075   0.823   -0.324  1.00 0.36 ? 15 DC B "C5'"  1 
ATOM 448 C "C4'"  . DC B 2 6 ? 8.290   1.578   -1.409  1.00 0.34 ? 15 DC B "C4'"  1 
ATOM 449 O "O4'"  . DC B 2 6 ? 6.876   1.411   -1.220  1.00 0.32 ? 15 DC B "O4'"  1 
ATOM 450 C "C3'"  . DC B 2 6 ? 8.600   3.078   -1.448  1.00 0.35 ? 15 DC B "C3'"  1 
ATOM 451 O "O3'"  . DC B 2 6 ? 8.727   3.508   -2.821  1.00 0.43 ? 15 DC B "O3'"  1 
ATOM 452 C "C2'"  . DC B 2 6 ? 7.368   3.592   -0.751  1.00 0.31 ? 15 DC B "C2'"  1 
ATOM 453 C "C1'"  . DC B 2 6 ? 6.273   2.699   -1.301  1.00 0.30 ? 15 DC B "C1'"  1 
ATOM 454 N N1     . DC B 2 6 ? 4.997   2.676   -0.551  1.00 0.28 ? 15 DC B N1     1 
ATOM 455 C C2     . DC B 2 6 ? 3.800   2.955   -1.185  1.00 0.28 ? 15 DC B C2     1 
ATOM 456 O O2     . DC B 2 6 ? 3.758   3.245   -2.376  1.00 0.30 ? 15 DC B O2     1 
ATOM 457 N N3     . DC B 2 6 ? 2.653   2.897   -0.452  1.00 0.27 ? 15 DC B N3     1 
ATOM 458 C C4     . DC B 2 6 ? 2.682   2.577   0.847   1.00 0.26 ? 15 DC B C4     1 
ATOM 459 N N4     . DC B 2 6 ? 1.529   2.533   1.512   1.00 0.27 ? 15 DC B N4     1 
ATOM 460 C C5     . DC B 2 6 ? 3.917   2.285   1.512   1.00 0.27 ? 15 DC B C5     1 
ATOM 461 C C6     . DC B 2 6 ? 5.035   2.354   0.758   1.00 0.28 ? 15 DC B C6     1 
ATOM 462 H "H5'"  . DC B 2 6 ? 8.797   -0.230  -0.375  1.00 0.40 ? 15 DC B "H5'"  1 
ATOM 463 H "H5''" . DC B 2 6 ? 10.144  0.921   -0.521  1.00 0.39 ? 15 DC B "H5''" 1 
ATOM 464 H "H4'"  . DC B 2 6 ? 8.454   1.227   -2.423  1.00 0.39 ? 15 DC B "H4'"  1 
ATOM 465 H "H3'"  . DC B 2 6 ? 9.524   3.306   -0.913  1.00 0.37 ? 15 DC B "H3'"  1 
ATOM 466 H "H2'"  . DC B 2 6 ? 7.480   3.449   0.319   1.00 0.31 ? 15 DC B "H2'"  1 
ATOM 467 H "H2''" . DC B 2 6 ? 7.208   4.639   -0.933  1.00 0.32 ? 15 DC B "H2''" 1 
ATOM 468 H "H1'"  . DC B 2 6 ? 6.162   2.921   -2.342  1.00 0.32 ? 15 DC B "H1'"  1 
ATOM 469 H H41    . DC B 2 6 ? 0.658   2.740   1.020   1.00 0.27 ? 15 DC B H41    1 
ATOM 470 H H42    . DC B 2 6 ? 1.507   2.298   2.493   1.00 0.28 ? 15 DC B H42    1 
ATOM 471 H H5     . DC B 2 6 ? 3.955   1.999   2.568   1.00 0.29 ? 15 DC B H5     1 
ATOM 472 H H6     . DC B 2 6 ? 6.038   2.171   1.116   1.00 0.29 ? 15 DC B H6     1 
ATOM 473 P P      . DA B 2 7 ? 8.887   5.042   -3.331  1.00 0.47 ? 16 DA B P      1 
ATOM 474 O OP1    . DA B 2 7 ? 9.834   5.050   -4.470  1.00 1.44 ? 16 DA B OP1    1 
ATOM 475 O OP2    . DA B 2 7 ? 9.150   5.905   -2.156  1.00 1.31 ? 16 DA B OP2    1 
ATOM 476 O "O5'"  . DA B 2 7 ? 7.404   5.405   -3.882  1.00 0.44 ? 16 DA B "O5'"  1 
ATOM 477 C "C5'"  . DA B 2 7 ? 6.894   4.936   -5.144  1.00 0.47 ? 16 DA B "C5'"  1 
ATOM 478 C "C4'"  . DA B 2 7 ? 5.550   5.570   -5.562  1.00 0.46 ? 16 DA B "C4'"  1 
ATOM 479 O "O4'"  . DA B 2 7 ? 4.464   5.279   -4.658  1.00 0.40 ? 16 DA B "O4'"  1 
ATOM 480 C "C3'"  . DA B 2 7 ? 5.564   7.092   -5.727  1.00 0.48 ? 16 DA B "C3'"  1 
ATOM 481 O "O3'"  . DA B 2 7 ? 4.893   7.454   -6.946  1.00 0.57 ? 16 DA B "O3'"  1 
ATOM 482 C "C2'"  . DA B 2 7 ? 4.904   7.533   -4.460  1.00 0.41 ? 16 DA B "C2'"  1 
ATOM 483 C "C1'"  . DA B 2 7 ? 3.833   6.504   -4.238  1.00 0.36 ? 16 DA B "C1'"  1 
ATOM 484 N N9     . DA B 2 7 ? 3.478   6.338   -2.815  1.00 0.29 ? 16 DA B N9     1 
ATOM 485 C C8     . DA B 2 7 ? 4.316   6.114   -1.772  1.00 0.31 ? 16 DA B C8     1 
ATOM 486 N N7     . DA B 2 7 ? 3.778   5.965   -0.601  1.00 0.28 ? 16 DA B N7     1 
ATOM 487 C C5     . DA B 2 7 ? 2.422   6.106   -0.899  1.00 0.24 ? 16 DA B C5     1 
ATOM 488 C C6     . DA B 2 7 ? 1.277   6.095   -0.094  1.00 0.25 ? 16 DA B C6     1 
ATOM 489 N N6     . DA B 2 7 ? 1.307   5.873   1.216   1.00 0.31 ? 16 DA B N6     1 
ATOM 490 N N1     . DA B 2 7 ? 0.097   6.309   -0.692  1.00 0.24 ? 16 DA B N1     1 
ATOM 491 C C2     . DA B 2 7 ? 0.056   6.522   -2.008  1.00 0.22 ? 16 DA B C2     1 
ATOM 492 N N3     . DA B 2 7 ? 1.062   6.554   -2.869  1.00 0.23 ? 16 DA B N3     1 
ATOM 493 C C4     . DA B 2 7 ? 2.234   6.336   -2.239  1.00 0.24 ? 16 DA B C4     1 
ATOM 494 H "H5'"  . DA B 2 7 ? 6.748   3.856   -5.079  1.00 0.49 ? 16 DA B "H5'"  1 
ATOM 495 H "H5''" . DA B 2 7 ? 7.628   5.142   -5.924  1.00 0.52 ? 16 DA B "H5''" 1 
ATOM 496 H "H4'"  . DA B 2 7 ? 5.281   5.155   -6.533  1.00 0.52 ? 16 DA B "H4'"  1 
ATOM 497 H "H3'"  . DA B 2 7 ? 6.559   7.503   -5.716  1.00 0.51 ? 16 DA B "H3'"  1 
ATOM 498 H "H2'"  . DA B 2 7 ? 5.656   7.474   -3.686  1.00 0.40 ? 16 DA B "H2'"  1 
ATOM 499 H "H2''" . DA B 2 7 ? 4.526   8.546   -4.482  1.00 0.42 ? 16 DA B "H2''" 1 
ATOM 500 H "H1'"  . DA B 2 7 ? 3.019   6.819   -4.883  1.00 0.39 ? 16 DA B "H1'"  1 
ATOM 501 H H8     . DA B 2 7 ? 5.384   6.078   -1.948  1.00 0.36 ? 16 DA B H8     1 
ATOM 502 H H61    . DA B 2 7 ? 0.444   5.887   1.744   1.00 0.71 ? 16 DA B H61    1 
ATOM 503 H H62    . DA B 2 7 ? 2.189   5.693   1.674   1.00 0.72 ? 16 DA B H62    1 
ATOM 504 H H2     . DA B 2 7 ? -0.935  6.700   -2.435  1.00 0.24 ? 16 DA B H2     1 
ATOM 505 P P      . DT B 2 8 ? 4.615   8.964   -7.446  1.00 0.66 ? 17 DT B P      1 
ATOM 506 O OP1    . DT B 2 8 ? 4.539   8.947   -8.925  1.00 1.56 ? 17 DT B OP1    1 
ATOM 507 O OP2    . DT B 2 8 ? 5.558   9.881   -6.765  1.00 1.39 ? 17 DT B OP2    1 
ATOM 508 O "O5'"  . DT B 2 8 ? 3.138   9.234   -6.858  1.00 0.59 ? 17 DT B "O5'"  1 
ATOM 509 C "C5'"  . DT B 2 8 ? 1.958   8.671   -7.455  1.00 0.59 ? 17 DT B "C5'"  1 
ATOM 510 C "C4'"  . DT B 2 8 ? 0.670   9.148   -6.776  1.00 0.51 ? 17 DT B "C4'"  1 
ATOM 511 O "O4'"  . DT B 2 8 ? 0.580   8.703   -5.406  1.00 0.44 ? 17 DT B "O4'"  1 
ATOM 512 C "C3'"  . DT B 2 8 ? 0.525   10.676  -6.784  1.00 0.50 ? 17 DT B "C3'"  1 
ATOM 513 O "O3'"  . DT B 2 8 ? -0.701  11.058  -7.428  1.00 0.62 ? 17 DT B "O3'"  1 
ATOM 514 C "C2'"  . DT B 2 8 ? 0.603   10.991  -5.299  1.00 0.39 ? 17 DT B "C2'"  1 
ATOM 515 C "C1'"  . DT B 2 8 ? 0.063   9.765   -4.594  1.00 0.37 ? 17 DT B "C1'"  1 
ATOM 516 N N1     . DT B 2 8 ? 0.595   9.617   -3.219  1.00 0.32 ? 17 DT B N1     1 
ATOM 517 C C2     . DT B 2 8 ? -0.299  9.484   -2.169  1.00 0.30 ? 17 DT B C2     1 
ATOM 518 O O2     . DT B 2 8 ? -1.519  9.490   -2.294  1.00 0.33 ? 17 DT B O2     1 
ATOM 519 N N3     . DT B 2 8 ? 0.255   9.339   -0.926  1.00 0.30 ? 17 DT B N3     1 
ATOM 520 C C4     . DT B 2 8 ? 1.588   9.314   -0.613  1.00 0.29 ? 17 DT B C4     1 
ATOM 521 O O4     . DT B 2 8 ? 1.923   9.169   0.561   1.00 0.31 ? 17 DT B O4     1 
ATOM 522 C C5     . DT B 2 8 ? 2.462   9.462   -1.760  1.00 0.30 ? 17 DT B C5     1 
ATOM 523 C C7     . DT B 2 8 ? 3.985   9.466   -1.579  1.00 0.34 ? 17 DT B C7     1 
ATOM 524 C C6     . DT B 2 8 ? 1.945   9.604   -2.997  1.00 0.32 ? 17 DT B C6     1 
ATOM 525 H "H5'"  . DT B 2 8 ? 1.998   7.583   -7.389  1.00 0.60 ? 17 DT B "H5'"  1 
ATOM 526 H "H5''" . DT B 2 8 ? 1.920   8.958   -8.507  1.00 0.67 ? 17 DT B "H5''" 1 
ATOM 527 H "H4'"  . DT B 2 8 ? -0.185  8.746   -7.321  1.00 0.53 ? 17 DT B "H4'"  1 
ATOM 528 H "H3'"  . DT B 2 8 ? 1.364   11.135  -7.311  1.00 0.56 ? 17 DT B "H3'"  1 
ATOM 529 H "H2'"  . DT B 2 8 ? 1.645   11.153  -5.035  1.00 0.40 ? 17 DT B "H2'"  1 
ATOM 530 H "H2''" . DT B 2 8 ? 0.039   11.855  -4.992  1.00 0.39 ? 17 DT B "H2''" 1 
ATOM 531 H "H1'"  . DT B 2 8 ? -1.026  9.821   -4.581  1.00 0.42 ? 17 DT B "H1'"  1 
ATOM 532 H H3     . DT B 2 8 ? -0.392  9.234   -0.159  1.00 0.32 ? 17 DT B H3     1 
ATOM 533 H H71    . DT B 2 8 ? 4.390   10.421  -1.918  1.00 1.01 ? 17 DT B H71    1 
ATOM 534 H H72    . DT B 2 8 ? 4.434   8.674   -2.173  1.00 1.08 ? 17 DT B H72    1 
ATOM 535 H H73    . DT B 2 8 ? 4.246   9.311   -0.533  1.00 1.09 ? 17 DT B H73    1 
ATOM 536 H H6     . DT B 2 8 ? 2.604   9.704   -3.860  1.00 0.38 ? 17 DT B H6     1 
ATOM 537 P P      . DG B 2 9 ? -1.182  12.585  -7.650  1.00 0.61 ? 18 DG B P      1 
ATOM 538 O OP1    . DG B 2 9 ? -2.314  12.574  -8.605  1.00 1.41 ? 18 DG B OP1    1 
ATOM 539 O OP2    . DG B 2 9 ? 0.000   13.439  -7.909  1.00 1.52 ? 18 DG B OP2    1 
ATOM 540 O "O5'"  . DG B 2 9 ? -1.756  12.934  -6.178  1.00 0.53 ? 18 DG B "O5'"  1 
ATOM 541 C "C5'"  . DG B 2 9 ? -3.048  12.479  -5.739  1.00 0.86 ? 18 DG B "C5'"  1 
ATOM 542 C "C4'"  . DG B 2 9 ? -3.298  12.758  -4.256  1.00 0.97 ? 18 DG B "C4'"  1 
ATOM 543 O "O4'"  . DG B 2 9 ? -2.427  12.059  -3.351  1.00 0.84 ? 18 DG B "O4'"  1 
ATOM 544 C "C3'"  . DG B 2 9 ? -3.073  14.221  -3.894  1.00 1.00 ? 18 DG B "C3'"  1 
ATOM 545 O "O3'"  . DG B 2 9 ? -4.142  15.109  -4.240  1.00 1.43 ? 18 DG B "O3'"  1 
ATOM 546 C "C2'"  . DG B 2 9 ? -2.746  14.153  -2.416  1.00 0.98 ? 18 DG B "C2'"  1 
ATOM 547 C "C1'"  . DG B 2 9 ? -2.683  12.672  -2.075  1.00 0.87 ? 18 DG B "C1'"  1 
ATOM 548 N N9     . DG B 2 9 ? -1.571  12.429  -1.145  1.00 0.59 ? 18 DG B N9     1 
ATOM 549 C C8     . DG B 2 9 ? -0.239  12.434  -1.404  1.00 0.44 ? 18 DG B C8     1 
ATOM 550 N N7     . DG B 2 9 ? 0.544   12.191  -0.394  1.00 0.36 ? 18 DG B N7     1 
ATOM 551 C C5     . DG B 2 9 ? -0.370  12.005  0.648   1.00 0.35 ? 18 DG B C5     1 
ATOM 552 C C6     . DG B 2 9 ? -0.153  11.700  2.022   1.00 0.41 ? 18 DG B C6     1 
ATOM 553 O O6     . DG B 2 9 ? 0.899   11.523  2.632   1.00 0.57 ? 18 DG B O6     1 
ATOM 554 N N1     . DG B 2 9 ? -1.343  11.594  2.712   1.00 0.43 ? 18 DG B N1     1 
ATOM 555 C C2     . DG B 2 9 ? -2.592  11.756  2.172   1.00 0.53 ? 18 DG B C2     1 
ATOM 556 N N2     . DG B 2 9 ? -3.637  11.615  2.967   1.00 0.64 ? 18 DG B N2     1 
ATOM 557 N N3     . DG B 2 9 ? -2.811  12.040  0.895   1.00 0.63 ? 18 DG B N3     1 
ATOM 558 C C4     . DG B 2 9 ? -1.659  12.149  0.193   1.00 0.50 ? 18 DG B C4     1 
ATOM 559 H "H5'"  . DG B 2 9 ? -3.152  11.407  -5.913  1.00 1.27 ? 18 DG B "H5'"  1 
ATOM 560 H "H5''" . DG B 2 9 ? -3.806  13.004  -6.322  1.00 1.11 ? 18 DG B "H5''" 1 
ATOM 561 H "H4'"  . DG B 2 9 ? -4.344  12.511  -4.062  1.00 1.31 ? 18 DG B "H4'"  1 
ATOM 562 H "H3'"  . DG B 2 9 ? -2.139  14.530  -4.367  1.00 0.85 ? 18 DG B "H3'"  1 
ATOM 563 H "HO3'" . DG B 2 9 ? -4.161  15.168  -5.199  1.00 1.56 ? 18 DG B "HO3'" 1 
ATOM 564 H "H2'"  . DG B 2 9 ? -1.722  14.525  -2.339  1.00 0.90 ? 18 DG B "H2'"  1 
ATOM 565 H "H2''" . DG B 2 9 ? -3.405  14.720  -1.760  1.00 1.16 ? 18 DG B "H2''" 1 
ATOM 566 H "H1'"  . DG B 2 9 ? -3.624  12.339  -1.634  1.00 1.15 ? 18 DG B "H1'"  1 
ATOM 567 H H8     . DG B 2 9 ? 0.110   12.633  -2.421  1.00 0.50 ? 18 DG B H8     1 
ATOM 568 H H1     . DG B 2 9 ? -1.254  11.377  3.695   1.00 0.50 ? 18 DG B H1     1 
ATOM 569 H H21    . DG B 2 9 ? -3.521  11.468  3.969   1.00 0.59 ? 18 DG B H21    1 
ATOM 570 H H22    . DG B 2 9 ? -4.557  11.659  2.557   1.00 0.83 ? 18 DG B H22    1 
# 
